data_8F5Q
#
_entry.id   8F5Q
#
_cell.length_a   81.950
_cell.length_b   82.210
_cell.length_c   118.558
_cell.angle_alpha   90.00
_cell.angle_beta   91.26
_cell.angle_gamma   90.00
#
_symmetry.space_group_name_H-M   'I 1 2 1'
#
loop_
_entity.id
_entity.type
_entity.pdbx_description
1 polymer 'Proliferating cell nuclear antigen'
2 polymer 'F-box DNA helicase 1'
3 water water
#
loop_
_entity_poly.entity_id
_entity_poly.type
_entity_poly.pdbx_seq_one_letter_code
_entity_poly.pdbx_strand_id
1 'polypeptide(L)'
;MFEARLVQGSILKKVLEALKDLINEACWDISSSGVNLQSMDSSHVSLVQLTLRSEGFDTYRCDRNLAMGVNLTSMSKILK
CAGNEDIITLRAEDNADTLALVFEAPNQEKVSDYEMKLMDLDVEQLGIPEQEYSCVVKMPSGEFARICRDLSHIGDAVVI
SCAKDGVKFSASGELGNGNIKLSQTSNVDKEEEAVTIEMNEPVQLTFALRYLNFFTKATPLSSTVTLSMSADVPLVVEYK
IADMGHLKYYLAPKIEDEE
;
A,C,E
2 'polypeptide(L)' SQRCIPEFF B,D,F
#
# COMPACT_ATOMS: atom_id res chain seq x y z
N MET A 1 37.36 -20.36 -1.08
CA MET A 1 37.72 -19.82 0.22
C MET A 1 36.51 -19.82 1.16
N PHE A 2 35.39 -19.20 0.78
CA PHE A 2 34.17 -19.32 1.56
C PHE A 2 33.01 -19.59 0.61
N GLU A 3 32.22 -20.61 0.92
CA GLU A 3 31.00 -20.79 0.14
C GLU A 3 29.94 -21.44 1.01
N ALA A 4 28.82 -20.73 1.16
CA ALA A 4 27.71 -21.17 1.97
C ALA A 4 26.45 -21.17 1.12
N ARG A 5 25.73 -22.29 1.14
CA ARG A 5 24.52 -22.48 0.35
C ARG A 5 23.34 -22.59 1.31
N LEU A 6 22.39 -21.67 1.16
CA LEU A 6 21.22 -21.62 2.02
C LEU A 6 20.00 -21.89 1.16
N VAL A 7 19.42 -23.09 1.29
CA VAL A 7 18.25 -23.44 0.48
C VAL A 7 17.07 -22.55 0.86
N GLN A 8 16.91 -22.27 2.15
CA GLN A 8 15.85 -21.37 2.60
C GLN A 8 16.39 -19.94 2.54
N GLY A 9 16.54 -19.46 1.30
CA GLY A 9 17.19 -18.18 1.08
C GLY A 9 16.46 -17.02 1.70
N SER A 10 15.16 -17.18 1.97
CA SER A 10 14.38 -16.10 2.56
C SER A 10 14.85 -15.75 3.97
N ILE A 11 15.57 -16.65 4.64
CA ILE A 11 16.15 -16.30 5.94
C ILE A 11 17.09 -15.12 5.77
N LEU A 12 18.00 -15.18 4.78
CA LEU A 12 18.94 -14.10 4.55
C LEU A 12 18.24 -12.81 4.15
N LYS A 13 17.17 -12.92 3.35
CA LYS A 13 16.41 -11.74 2.98
C LYS A 13 15.80 -11.09 4.22
N LYS A 14 15.14 -11.89 5.06
CA LYS A 14 14.55 -11.36 6.28
C LYS A 14 15.60 -10.81 7.22
N VAL A 15 16.77 -11.47 7.28
CA VAL A 15 17.84 -10.98 8.14
C VAL A 15 18.26 -9.58 7.71
N LEU A 16 18.49 -9.37 6.41
CA LEU A 16 18.92 -8.06 5.96
C LEU A 16 17.81 -7.03 6.12
N GLU A 17 16.56 -7.44 5.96
CA GLU A 17 15.44 -6.54 6.26
C GLU A 17 15.41 -6.14 7.72
N ALA A 18 15.88 -7.00 8.60
CA ALA A 18 15.86 -6.74 10.03
C ALA A 18 17.07 -5.96 10.52
N LEU A 19 18.03 -5.65 9.64
CA LEU A 19 19.23 -4.92 10.05
C LEU A 19 19.46 -3.62 9.30
N LYS A 20 19.04 -3.52 8.04
CA LYS A 20 19.54 -2.46 7.17
C LYS A 20 19.15 -1.07 7.66
N ASP A 21 18.01 -0.95 8.34
CA ASP A 21 17.56 0.35 8.82
C ASP A 21 18.10 0.68 10.20
N LEU A 22 18.61 -0.32 10.92
CA LEU A 22 19.24 -0.09 12.21
C LEU A 22 20.75 0.07 12.08
N ILE A 23 21.36 -0.74 11.21
CA ILE A 23 22.81 -0.81 11.05
C ILE A 23 23.14 -0.41 9.63
N ASN A 24 23.98 0.62 9.48
CA ASN A 24 24.41 1.05 8.15
C ASN A 24 25.40 0.05 7.57
N GLU A 25 26.39 -0.29 8.38
CA GLU A 25 27.63 -0.92 7.96
C GLU A 25 27.94 -1.98 8.98
N ALA A 26 28.26 -3.20 8.55
CA ALA A 26 28.62 -4.20 9.53
C ALA A 26 29.69 -5.11 8.97
N CYS A 27 30.40 -5.76 9.88
N CYS A 27 30.42 -5.76 9.88
CA CYS A 27 31.43 -6.74 9.52
CA CYS A 27 31.42 -6.75 9.53
C CYS A 27 30.86 -8.14 9.70
C CYS A 27 30.83 -8.14 9.70
N TRP A 28 30.84 -8.91 8.63
CA TRP A 28 30.34 -10.29 8.65
C TRP A 28 31.49 -11.21 9.01
N ASP A 29 31.55 -11.64 10.27
CA ASP A 29 32.59 -12.57 10.72
C ASP A 29 32.27 -13.96 10.22
N ILE A 30 33.15 -14.50 9.38
CA ILE A 30 32.88 -15.74 8.67
C ILE A 30 33.93 -16.76 9.12
N SER A 31 33.50 -17.95 9.50
CA SER A 31 34.44 -18.96 9.94
C SER A 31 33.81 -20.33 9.75
N SER A 32 34.55 -21.36 10.18
CA SER A 32 34.08 -22.73 10.04
C SER A 32 32.86 -23.03 10.90
N SER A 33 32.61 -22.24 11.95
CA SER A 33 31.44 -22.47 12.77
C SER A 33 30.21 -21.74 12.26
N GLY A 34 30.37 -20.79 11.35
CA GLY A 34 29.23 -20.16 10.72
C GLY A 34 29.47 -18.68 10.56
N VAL A 35 28.37 -17.96 10.35
CA VAL A 35 28.39 -16.54 10.08
C VAL A 35 28.03 -15.81 11.36
N ASN A 36 28.80 -14.78 11.72
N ASN A 36 28.79 -14.77 11.70
CA ASN A 36 28.48 -13.98 12.89
CA ASN A 36 28.51 -13.97 12.87
C ASN A 36 28.59 -12.51 12.52
C ASN A 36 28.59 -12.49 12.51
N LEU A 37 27.57 -11.74 12.92
CA LEU A 37 27.56 -10.30 12.76
C LEU A 37 27.25 -9.71 14.12
N GLN A 38 28.12 -8.82 14.59
CA GLN A 38 27.86 -8.06 15.80
C GLN A 38 28.15 -6.60 15.52
N SER A 39 27.22 -5.73 15.86
CA SER A 39 27.39 -4.31 15.60
C SER A 39 26.45 -3.53 16.50
N MET A 40 26.93 -2.37 16.93
CA MET A 40 26.07 -1.42 17.59
C MET A 40 25.41 -0.56 16.51
N ASP A 41 24.28 0.05 16.84
CA ASP A 41 23.80 1.08 15.93
C ASP A 41 24.64 2.34 16.12
N SER A 42 24.46 3.30 15.21
CA SER A 42 25.29 4.50 15.22
C SER A 42 25.28 5.22 16.57
N SER A 43 24.16 5.18 17.30
CA SER A 43 24.08 5.87 18.58
C SER A 43 24.55 5.03 19.76
N HIS A 44 24.98 3.78 19.51
CA HIS A 44 25.49 2.89 20.55
C HIS A 44 24.50 2.69 21.68
N VAL A 45 23.22 2.88 21.39
CA VAL A 45 22.16 2.57 22.35
C VAL A 45 21.74 1.10 22.26
N SER A 46 21.83 0.53 21.05
CA SER A 46 21.45 -0.85 20.83
C SER A 46 22.62 -1.62 20.23
N LEU A 47 22.59 -2.94 20.41
CA LEU A 47 23.58 -3.85 19.83
C LEU A 47 22.86 -5.01 19.18
N VAL A 48 23.27 -5.32 17.94
CA VAL A 48 22.81 -6.47 17.20
C VAL A 48 23.85 -7.57 17.28
N GLN A 49 23.41 -8.79 17.54
CA GLN A 49 24.27 -9.97 17.50
C GLN A 49 23.55 -11.03 16.68
N LEU A 50 24.06 -11.32 15.49
CA LEU A 50 23.49 -12.31 14.60
C LEU A 50 24.39 -13.52 14.57
N THR A 51 23.81 -14.70 14.70
CA THR A 51 24.53 -15.96 14.57
C THR A 51 23.79 -16.85 13.60
N LEU A 52 24.51 -17.33 12.58
CA LEU A 52 23.98 -18.30 11.63
C LEU A 52 24.96 -19.46 11.63
N ARG A 53 24.62 -20.55 12.33
CA ARG A 53 25.57 -21.64 12.46
C ARG A 53 25.80 -22.34 11.13
N SER A 54 27.03 -22.82 10.94
CA SER A 54 27.37 -23.55 9.73
C SER A 54 26.45 -24.74 9.51
N GLU A 55 26.01 -25.40 10.58
CA GLU A 55 25.13 -26.56 10.44
C GLU A 55 23.78 -26.21 9.85
N GLY A 56 23.37 -24.96 9.93
CA GLY A 56 22.11 -24.59 9.31
C GLY A 56 22.19 -24.30 7.83
N PHE A 57 23.41 -24.18 7.30
CA PHE A 57 23.57 -24.03 5.87
C PHE A 57 23.57 -25.41 5.24
N ASP A 58 22.91 -25.50 4.07
CA ASP A 58 22.79 -26.79 3.42
C ASP A 58 24.14 -27.27 2.87
N THR A 59 25.02 -26.33 2.54
CA THR A 59 26.41 -26.55 2.16
C THR A 59 27.26 -25.45 2.78
N TYR A 60 28.36 -25.82 3.41
CA TYR A 60 29.17 -24.81 4.09
C TYR A 60 30.64 -25.19 4.00
N ARG A 61 31.43 -24.29 3.43
CA ARG A 61 32.87 -24.45 3.32
C ARG A 61 33.52 -23.14 3.71
N CYS A 62 34.46 -23.19 4.65
CA CYS A 62 35.18 -21.98 5.03
C CYS A 62 36.58 -22.39 5.43
N ASP A 63 37.57 -22.01 4.65
CA ASP A 63 38.93 -22.41 4.95
C ASP A 63 39.76 -21.34 5.65
N ARG A 64 39.26 -20.12 5.82
CA ARG A 64 39.97 -19.19 6.71
C ARG A 64 38.90 -18.28 7.31
N ASN A 65 39.25 -17.67 8.44
CA ASN A 65 38.39 -16.67 9.06
C ASN A 65 38.40 -15.38 8.23
N LEU A 66 37.23 -14.95 7.76
CA LEU A 66 37.07 -13.73 6.98
C LEU A 66 36.35 -12.66 7.78
N ALA A 67 36.73 -11.42 7.55
CA ALA A 67 36.05 -10.25 8.13
C ALA A 67 35.58 -9.39 6.96
N MET A 68 34.33 -9.58 6.54
CA MET A 68 33.78 -8.90 5.37
C MET A 68 32.98 -7.67 5.80
N GLY A 69 33.54 -6.49 5.55
CA GLY A 69 32.82 -5.25 5.79
C GLY A 69 31.78 -5.02 4.72
N VAL A 70 30.52 -4.88 5.13
CA VAL A 70 29.41 -4.88 4.19
C VAL A 70 28.55 -3.64 4.45
N ASN A 71 28.19 -2.96 3.38
CA ASN A 71 27.17 -1.92 3.45
C ASN A 71 25.82 -2.64 3.43
N LEU A 72 25.09 -2.60 4.55
CA LEU A 72 23.88 -3.41 4.68
C LEU A 72 22.73 -2.89 3.82
N THR A 73 22.73 -1.60 3.48
CA THR A 73 21.75 -1.12 2.51
C THR A 73 22.08 -1.67 1.13
N SER A 74 23.37 -1.65 0.77
CA SER A 74 23.79 -2.27 -0.48
C SER A 74 23.44 -3.75 -0.50
N MET A 75 23.77 -4.47 0.59
CA MET A 75 23.46 -5.89 0.64
C MET A 75 21.97 -6.15 0.56
N SER A 76 21.18 -5.29 1.21
CA SER A 76 19.73 -5.43 1.15
C SER A 76 19.21 -5.29 -0.27
N LYS A 77 19.71 -4.29 -1.02
CA LYS A 77 19.25 -4.12 -2.40
C LYS A 77 19.49 -5.36 -3.23
N ILE A 78 20.64 -6.00 -3.05
CA ILE A 78 20.93 -7.20 -3.83
C ILE A 78 20.00 -8.34 -3.40
N LEU A 79 19.73 -8.45 -2.11
CA LEU A 79 18.86 -9.52 -1.64
C LEU A 79 17.40 -9.27 -2.01
N LYS A 80 17.03 -8.02 -2.27
CA LYS A 80 15.76 -7.72 -2.93
C LYS A 80 15.66 -8.43 -4.28
N CYS A 81 16.79 -8.69 -4.92
CA CYS A 81 16.80 -9.30 -6.23
C CYS A 81 16.63 -10.82 -6.17
N ALA A 82 16.55 -11.38 -4.98
CA ALA A 82 16.30 -12.80 -4.79
C ALA A 82 14.81 -13.02 -4.54
N GLY A 83 14.26 -14.07 -5.17
CA GLY A 83 12.89 -14.45 -4.89
C GLY A 83 12.78 -15.23 -3.57
N ASN A 84 11.59 -15.23 -2.98
CA ASN A 84 11.42 -15.83 -1.63
C ASN A 84 11.59 -17.36 -1.66
N GLU A 85 11.72 -17.96 -2.84
CA GLU A 85 11.83 -19.44 -2.96
C GLU A 85 13.21 -19.78 -3.56
N ASP A 86 14.08 -18.79 -3.67
CA ASP A 86 15.41 -18.98 -4.29
C ASP A 86 16.46 -19.61 -3.37
N ILE A 87 17.33 -20.44 -3.93
CA ILE A 87 18.46 -20.97 -3.13
C ILE A 87 19.55 -19.90 -3.22
N ILE A 88 20.00 -19.38 -2.08
CA ILE A 88 21.02 -18.34 -2.07
C ILE A 88 22.35 -18.95 -1.66
N THR A 89 23.37 -18.71 -2.46
CA THR A 89 24.73 -19.10 -2.13
C THR A 89 25.57 -17.85 -1.96
N LEU A 90 26.27 -17.75 -0.83
CA LEU A 90 27.27 -16.71 -0.60
C LEU A 90 28.64 -17.29 -0.90
N ARG A 91 29.52 -16.47 -1.47
CA ARG A 91 30.82 -16.96 -1.88
C ARG A 91 31.83 -15.82 -1.84
N ALA A 92 33.04 -16.13 -1.39
CA ALA A 92 34.10 -15.13 -1.34
C ALA A 92 35.39 -15.73 -1.86
N ASP A 97 37.79 -9.13 -1.76
CA ASP A 97 37.36 -7.74 -1.80
C ASP A 97 35.91 -7.64 -2.28
N THR A 98 35.29 -8.80 -2.55
CA THR A 98 33.94 -8.85 -3.06
C THR A 98 33.21 -10.02 -2.40
N LEU A 99 31.89 -9.87 -2.27
CA LEU A 99 31.02 -10.97 -1.90
C LEU A 99 30.15 -11.33 -3.10
N ALA A 100 30.11 -12.61 -3.42
CA ALA A 100 29.30 -13.11 -4.52
C ALA A 100 28.04 -13.72 -3.94
N LEU A 101 26.88 -13.24 -4.40
CA LEU A 101 25.59 -13.79 -4.01
C LEU A 101 24.96 -14.39 -5.26
N VAL A 102 24.67 -15.68 -5.21
CA VAL A 102 24.09 -16.40 -6.33
C VAL A 102 22.70 -16.86 -5.93
N PHE A 103 21.68 -16.45 -6.69
CA PHE A 103 20.31 -16.84 -6.42
C PHE A 103 19.85 -17.80 -7.49
N GLU A 104 19.42 -18.99 -7.08
CA GLU A 104 18.93 -20.00 -8.00
C GLU A 104 17.45 -20.22 -7.74
N ALA A 105 16.64 -20.01 -8.78
CA ALA A 105 15.20 -20.14 -8.69
C ALA A 105 14.82 -21.61 -8.52
N GLU A 109 17.39 -23.06 -15.03
CA GLU A 109 16.43 -22.10 -15.63
C GLU A 109 16.91 -20.68 -15.37
N LYS A 110 16.62 -20.15 -14.18
CA LYS A 110 17.01 -18.76 -13.85
C LYS A 110 18.11 -18.77 -12.78
N VAL A 111 19.27 -18.22 -13.12
CA VAL A 111 20.37 -18.10 -12.13
C VAL A 111 20.80 -16.64 -12.11
N SER A 112 20.71 -16.00 -10.95
CA SER A 112 21.18 -14.63 -10.80
C SER A 112 22.52 -14.63 -10.07
N ASP A 113 23.37 -13.70 -10.48
CA ASP A 113 24.76 -13.68 -10.03
C ASP A 113 25.11 -12.24 -9.69
N TYR A 114 25.28 -11.95 -8.40
CA TYR A 114 25.61 -10.60 -7.95
C TYR A 114 26.96 -10.56 -7.27
N GLU A 115 27.71 -9.50 -7.57
CA GLU A 115 29.01 -9.24 -6.97
C GLU A 115 28.90 -7.90 -6.25
N MET A 116 29.07 -7.92 -4.94
CA MET A 116 28.96 -6.75 -4.10
C MET A 116 30.33 -6.34 -3.59
N LYS A 117 30.75 -5.14 -3.95
CA LYS A 117 31.89 -4.47 -3.34
C LYS A 117 31.82 -4.52 -1.83
N LEU A 118 32.91 -4.96 -1.22
CA LEU A 118 33.06 -4.94 0.23
C LEU A 118 33.78 -3.66 0.64
N MET A 119 33.78 -3.40 1.95
CA MET A 119 34.53 -2.28 2.47
C MET A 119 35.39 -2.68 3.67
N ASP A 120 36.51 -1.96 3.81
CA ASP A 120 37.45 -2.25 4.92
C ASP A 120 36.83 -1.69 6.20
N LEU A 121 36.33 -2.57 7.06
CA LEU A 121 35.71 -2.13 8.34
C LEU A 121 36.46 -2.79 9.50
N ASP A 122 37.14 -2.00 10.32
CA ASP A 122 37.86 -2.56 11.49
C ASP A 122 37.02 -2.32 12.74
N VAL A 123 36.11 -3.24 13.08
CA VAL A 123 35.20 -3.01 14.23
C VAL A 123 34.96 -4.32 15.00
N GLN A 125 34.28 -5.84 18.18
CA GLN A 125 34.33 -4.49 18.79
C GLN A 125 33.99 -4.57 20.29
N LEU A 126 33.06 -5.45 20.68
CA LEU A 126 32.61 -5.46 22.10
C LEU A 126 32.34 -6.90 22.54
N GLY A 127 32.55 -7.19 23.82
CA GLY A 127 32.28 -8.54 24.35
C GLY A 127 30.99 -8.56 25.15
N ILE A 128 30.11 -9.53 24.87
CA ILE A 128 28.81 -9.64 25.59
C ILE A 128 28.96 -10.72 26.65
N PRO A 129 28.90 -10.37 27.95
CA PRO A 129 29.00 -11.37 29.00
C PRO A 129 27.76 -12.26 29.16
N GLU A 130 27.96 -13.56 29.39
CA GLU A 130 26.82 -14.40 29.71
C GLU A 130 26.21 -13.94 31.02
N GLN A 131 24.88 -13.92 31.08
CA GLN A 131 24.17 -13.35 32.20
C GLN A 131 22.93 -14.11 32.59
N GLU A 132 22.68 -14.09 33.90
CA GLU A 132 21.41 -14.49 34.48
C GLU A 132 20.49 -13.28 34.50
N TYR A 133 19.24 -13.50 34.11
CA TYR A 133 18.27 -12.42 34.00
C TYR A 133 17.16 -12.62 35.01
N SER A 134 16.78 -11.54 35.69
CA SER A 134 15.69 -11.61 36.66
C SER A 134 14.41 -12.12 36.01
N CYS A 135 14.09 -11.60 34.83
CA CYS A 135 12.86 -11.97 34.14
C CYS A 135 13.15 -12.31 32.68
N VAL A 136 12.50 -13.36 32.21
CA VAL A 136 12.56 -13.77 30.80
C VAL A 136 11.13 -13.96 30.33
N VAL A 137 10.69 -13.11 29.42
CA VAL A 137 9.35 -13.19 28.84
C VAL A 137 9.48 -13.77 27.44
N LYS A 138 8.65 -14.75 27.14
CA LYS A 138 8.59 -15.34 25.82
C LYS A 138 7.17 -15.12 25.30
N MET A 139 7.04 -14.52 24.13
CA MET A 139 5.74 -14.12 23.65
C MET A 139 5.71 -14.20 22.13
N PRO A 140 4.53 -14.26 21.54
CA PRO A 140 4.45 -14.19 20.07
C PRO A 140 5.15 -12.95 19.55
N SER A 141 5.92 -13.11 18.48
CA SER A 141 6.65 -11.97 17.88
C SER A 141 5.69 -10.89 17.40
N GLY A 142 4.58 -11.29 16.76
CA GLY A 142 3.61 -10.33 16.21
C GLY A 142 2.95 -9.52 17.30
N GLU A 143 2.75 -10.12 18.46
CA GLU A 143 2.19 -9.37 19.62
C GLU A 143 3.18 -8.28 20.03
N PHE A 144 4.45 -8.65 20.20
CA PHE A 144 5.48 -7.66 20.62
C PHE A 144 5.55 -6.55 19.57
N ALA A 145 5.47 -6.93 18.29
CA ALA A 145 5.48 -5.92 17.20
C ALA A 145 4.33 -4.94 17.41
N ARG A 146 3.09 -5.43 17.53
CA ARG A 146 1.98 -4.51 17.83
C ARG A 146 2.19 -3.69 19.08
N ILE A 147 2.58 -4.32 20.18
CA ILE A 147 2.71 -3.56 21.42
C ILE A 147 3.61 -2.37 21.21
N CYS A 148 4.79 -2.59 20.62
CA CYS A 148 5.74 -1.50 20.41
C CYS A 148 5.23 -0.50 19.38
N ARG A 149 4.56 -0.98 18.34
CA ARG A 149 4.08 -0.10 17.30
C ARG A 149 2.92 0.74 17.85
N ASP A 150 2.00 0.10 18.57
CA ASP A 150 0.87 0.83 19.16
C ASP A 150 1.32 1.86 20.20
N LEU A 151 2.20 1.46 21.13
CA LEU A 151 2.59 2.39 22.18
C LEU A 151 3.39 3.58 21.66
N SER A 152 4.04 3.45 20.50
CA SER A 152 4.72 4.60 19.92
C SER A 152 3.75 5.68 19.45
N HIS A 153 2.46 5.39 19.40
CA HIS A 153 1.43 6.41 19.16
C HIS A 153 1.31 7.36 20.34
N ILE A 154 1.70 6.91 21.52
CA ILE A 154 1.42 7.60 22.78
C ILE A 154 2.66 8.24 23.37
N GLY A 155 3.78 7.52 23.39
CA GLY A 155 4.99 8.05 23.97
C GLY A 155 6.19 7.52 23.22
N ASP A 156 7.34 8.12 23.51
CA ASP A 156 8.58 7.68 22.90
C ASP A 156 9.39 6.76 23.80
N ALA A 157 8.90 6.46 25.00
CA ALA A 157 9.54 5.52 25.91
C ALA A 157 8.49 4.55 26.43
N VAL A 158 8.93 3.32 26.72
CA VAL A 158 8.08 2.28 27.28
C VAL A 158 8.68 1.79 28.58
N VAL A 159 7.83 1.65 29.60
CA VAL A 159 8.20 1.02 30.85
C VAL A 159 7.71 -0.42 30.80
N ILE A 160 8.65 -1.37 30.89
CA ILE A 160 8.31 -2.79 30.91
C ILE A 160 8.33 -3.25 32.36
N SER A 161 7.17 -3.69 32.85
CA SER A 161 7.02 -4.17 34.22
C SER A 161 6.68 -5.66 34.19
N CYS A 162 7.49 -6.46 34.90
CA CYS A 162 7.29 -7.90 34.94
C CYS A 162 7.24 -8.41 36.38
N GLY A 166 2.33 -11.83 35.01
CA GLY A 166 2.14 -11.15 33.75
C GLY A 166 3.16 -10.05 33.51
N VAL A 167 3.19 -9.53 32.29
CA VAL A 167 4.10 -8.45 31.92
C VAL A 167 3.27 -7.26 31.46
N LYS A 168 3.77 -6.06 31.75
CA LYS A 168 3.05 -4.82 31.50
C LYS A 168 3.92 -3.84 30.74
N PHE A 169 3.35 -3.22 29.71
CA PHE A 169 4.03 -2.23 28.87
C PHE A 169 3.29 -0.92 28.98
N SER A 170 4.01 0.14 29.38
CA SER A 170 3.37 1.41 29.70
C SER A 170 4.09 2.55 29.00
N ALA A 171 3.31 3.52 28.51
CA ALA A 171 3.87 4.68 27.85
C ALA A 171 2.99 5.90 28.12
N SER A 172 3.61 7.09 28.08
CA SER A 172 2.92 8.35 28.32
C SER A 172 3.50 9.43 27.44
N GLY A 173 2.65 10.35 27.01
CA GLY A 173 3.03 11.47 26.20
C GLY A 173 2.02 12.59 26.33
N GLU A 174 1.95 13.44 25.33
CA GLU A 174 1.02 14.53 25.39
C GLU A 174 -0.44 14.10 25.19
N LEU A 175 -0.66 12.93 24.58
CA LEU A 175 -2.01 12.42 24.38
C LEU A 175 -2.64 12.00 25.70
N GLY A 176 -1.83 11.46 26.59
CA GLY A 176 -2.29 10.71 27.74
C GLY A 176 -1.33 9.54 27.94
N ASN A 177 -1.85 8.40 28.38
CA ASN A 177 -0.98 7.27 28.67
C ASN A 177 -1.68 5.97 28.34
N GLY A 178 -0.89 4.90 28.26
CA GLY A 178 -1.43 3.58 27.99
C GLY A 178 -0.67 2.51 28.74
N ASN A 179 -1.38 1.44 29.04
CA ASN A 179 -0.82 0.25 29.67
C ASN A 179 -1.36 -0.95 28.93
N ILE A 180 -0.46 -1.83 28.48
CA ILE A 180 -0.85 -3.08 27.86
C ILE A 180 -0.41 -4.20 28.78
N LYS A 181 -1.33 -5.09 29.10
CA LYS A 181 -1.09 -6.10 30.12
C LYS A 181 -1.25 -7.47 29.48
N LEU A 182 -0.18 -8.25 29.51
CA LEU A 182 -0.20 -9.61 29.01
C LEU A 182 -0.15 -10.57 30.19
N SER A 183 -1.02 -11.58 30.16
CA SER A 183 -1.03 -12.59 31.25
C SER A 183 -0.41 -13.89 30.77
N GLN A 184 0.30 -14.58 31.66
CA GLN A 184 0.93 -15.87 31.32
C GLN A 184 -0.17 -16.83 30.85
N THR A 185 0.08 -17.54 29.76
CA THR A 185 -0.92 -18.47 29.19
C THR A 185 -0.89 -19.78 29.97
N GLU A 192 3.43 -21.76 21.10
CA GLU A 192 3.37 -20.93 19.91
C GLU A 192 2.80 -19.54 20.14
N GLU A 193 1.50 -19.48 20.43
CA GLU A 193 0.83 -18.22 20.74
C GLU A 193 0.76 -18.01 22.26
N ALA A 194 1.65 -18.66 22.99
CA ALA A 194 1.70 -18.62 24.44
C ALA A 194 2.55 -17.43 24.91
N VAL A 195 2.33 -17.04 26.16
CA VAL A 195 3.14 -16.04 26.85
C VAL A 195 3.67 -16.70 28.11
N THR A 196 4.97 -16.95 28.17
CA THR A 196 5.58 -17.60 29.32
C THR A 196 6.54 -16.62 29.99
N ILE A 197 6.51 -16.59 31.31
CA ILE A 197 7.37 -15.71 32.09
C ILE A 197 8.16 -16.55 33.07
N GLU A 198 9.48 -16.33 33.09
CA GLU A 198 10.40 -17.08 33.93
C GLU A 198 11.03 -16.02 34.80
N MET A 199 10.63 -15.96 36.07
CA MET A 199 11.00 -14.82 36.90
C MET A 199 11.48 -15.31 38.25
N ASN A 200 12.66 -14.85 38.64
CA ASN A 200 13.14 -14.97 40.01
C ASN A 200 12.94 -13.70 40.81
N GLU A 201 12.85 -12.54 40.13
CA GLU A 201 12.66 -11.23 40.72
C GLU A 201 11.92 -10.31 39.76
N PRO A 202 10.91 -9.56 40.24
CA PRO A 202 10.25 -8.59 39.38
C PRO A 202 11.16 -7.43 39.02
N VAL A 203 11.02 -6.94 37.79
CA VAL A 203 11.75 -5.76 37.35
C VAL A 203 10.84 -4.81 36.57
N GLN A 204 11.35 -3.59 36.43
CA GLN A 204 10.63 -2.46 35.85
C GLN A 204 11.69 -1.61 35.18
N LEU A 205 11.74 -1.64 33.85
CA LEU A 205 12.77 -0.96 33.09
C LEU A 205 12.12 -0.09 32.03
N THR A 206 12.79 1.02 31.71
CA THR A 206 12.32 1.95 30.70
C THR A 206 13.25 1.90 29.49
N PHE A 207 12.66 1.87 28.30
CA PHE A 207 13.42 1.81 27.05
C PHE A 207 12.82 2.74 26.02
N ALA A 208 13.67 3.16 25.08
CA ALA A 208 13.20 3.94 23.94
C ALA A 208 12.45 3.07 22.95
N LEU A 209 11.22 3.47 22.61
CA LEU A 209 10.41 2.70 21.68
C LEU A 209 10.94 2.77 20.26
N ARG A 210 11.64 3.85 19.91
CA ARG A 210 12.19 3.97 18.55
C ARG A 210 13.08 2.78 18.21
N TYR A 211 13.89 2.32 19.16
CA TYR A 211 14.78 1.19 18.88
C TYR A 211 13.99 -0.12 18.83
N LEU A 212 13.03 -0.28 19.75
CA LEU A 212 12.22 -1.49 19.75
C LEU A 212 11.47 -1.66 18.44
N ASN A 213 11.07 -0.57 17.81
CA ASN A 213 10.36 -0.69 16.54
C ASN A 213 11.30 -1.01 15.40
N PHE A 214 12.60 -0.84 15.60
CA PHE A 214 13.59 -1.37 14.67
C PHE A 214 13.78 -2.86 14.90
N PHE A 215 13.85 -3.27 16.17
CA PHE A 215 14.02 -4.68 16.50
C PHE A 215 12.90 -5.52 15.91
N THR A 216 11.67 -5.00 15.94
CA THR A 216 10.52 -5.79 15.50
C THR A 216 10.50 -6.04 14.01
N LYS A 217 11.36 -5.37 13.24
CA LYS A 217 11.54 -5.73 11.84
C LYS A 217 12.04 -7.15 11.66
N ALA A 218 12.53 -7.78 12.73
CA ALA A 218 12.94 -9.17 12.69
C ALA A 218 11.78 -10.14 12.88
N THR A 219 10.56 -9.63 13.09
CA THR A 219 9.41 -10.50 13.35
C THR A 219 9.20 -11.61 12.33
N PRO A 220 9.37 -11.41 11.02
CA PRO A 220 9.19 -12.55 10.09
C PRO A 220 10.13 -13.71 10.35
N LEU A 221 11.24 -13.51 11.07
CA LEU A 221 12.19 -14.60 11.29
C LEU A 221 11.68 -15.65 12.27
N SER A 222 10.84 -15.26 13.22
CA SER A 222 10.46 -16.14 14.32
C SER A 222 9.04 -15.85 14.76
N SER A 223 8.25 -16.90 14.95
CA SER A 223 6.90 -16.76 15.48
C SER A 223 6.91 -16.33 16.94
N THR A 224 8.06 -16.38 17.60
CA THR A 224 8.18 -16.04 19.01
C THR A 224 9.36 -15.11 19.21
N VAL A 225 9.27 -14.27 20.23
CA VAL A 225 10.37 -13.42 20.66
C VAL A 225 10.59 -13.63 22.15
N THR A 226 11.85 -13.56 22.58
CA THR A 226 12.21 -13.73 23.99
C THR A 226 12.79 -12.42 24.50
N LEU A 227 12.19 -11.90 25.58
CA LEU A 227 12.69 -10.72 26.27
C LEU A 227 13.38 -11.15 27.56
N SER A 228 14.62 -10.72 27.75
CA SER A 228 15.37 -11.03 28.96
C SER A 228 15.76 -9.72 29.63
N MET A 229 15.40 -9.58 30.91
CA MET A 229 15.60 -8.32 31.62
C MET A 229 16.19 -8.55 33.00
N SER A 230 16.94 -7.55 33.45
CA SER A 230 17.35 -7.43 34.84
C SER A 230 17.60 -5.96 35.13
N ALA A 231 17.49 -5.62 36.42
CA ALA A 231 17.76 -4.26 36.86
C ALA A 231 19.13 -3.80 36.38
N ASP A 232 19.17 -2.61 35.78
CA ASP A 232 20.41 -1.97 35.35
C ASP A 232 21.25 -2.87 34.44
N VAL A 233 20.63 -3.39 33.37
CA VAL A 233 21.40 -4.15 32.39
C VAL A 233 20.64 -4.08 31.07
N PRO A 234 21.30 -4.21 29.91
CA PRO A 234 20.57 -4.14 28.64
C PRO A 234 19.47 -5.17 28.52
N LEU A 235 18.35 -4.74 27.96
CA LEU A 235 17.30 -5.67 27.56
C LEU A 235 17.82 -6.52 26.41
N VAL A 236 17.39 -7.78 26.37
CA VAL A 236 17.71 -8.65 25.26
C VAL A 236 16.41 -9.00 24.56
N VAL A 237 16.34 -8.73 23.26
CA VAL A 237 15.21 -9.10 22.42
C VAL A 237 15.73 -10.12 21.43
N GLU A 238 15.34 -11.38 21.62
CA GLU A 238 15.95 -12.50 20.91
C GLU A 238 14.96 -13.15 19.95
N TYR A 239 15.35 -13.21 18.68
CA TYR A 239 14.59 -13.91 17.65
C TYR A 239 15.35 -15.16 17.23
N LYS A 240 14.75 -16.32 17.44
CA LYS A 240 15.38 -17.58 17.07
C LYS A 240 15.24 -17.80 15.56
N ILE A 241 16.34 -18.19 14.92
CA ILE A 241 16.32 -18.44 13.49
C ILE A 241 16.36 -19.94 13.24
N ALA A 242 15.18 -20.53 13.09
CA ALA A 242 15.01 -21.94 12.67
C ALA A 242 15.87 -22.83 13.58
N ASP A 243 16.62 -23.77 13.01
CA ASP A 243 17.62 -24.57 13.71
C ASP A 243 19.02 -24.00 13.54
N MET A 244 19.17 -22.82 12.94
N MET A 244 19.12 -22.81 12.92
CA MET A 244 20.51 -22.41 12.55
CA MET A 244 20.34 -22.22 12.39
C MET A 244 21.08 -21.23 13.34
C MET A 244 21.04 -21.30 13.37
N GLY A 245 20.30 -20.59 14.21
CA GLY A 245 20.90 -19.55 15.01
C GLY A 245 19.90 -18.55 15.54
N HIS A 246 20.29 -17.27 15.60
CA HIS A 246 19.44 -16.31 16.28
C HIS A 246 19.84 -14.92 15.84
N LEU A 247 18.93 -13.99 16.05
CA LEU A 247 19.20 -12.57 15.93
C LEU A 247 18.85 -11.97 17.28
N LYS A 248 19.86 -11.44 17.97
CA LYS A 248 19.68 -10.83 19.28
C LYS A 248 19.82 -9.32 19.17
N TYR A 249 18.99 -8.61 19.92
CA TYR A 249 19.03 -7.17 20.01
C TYR A 249 19.21 -6.81 21.47
N TYR A 250 20.22 -6.00 21.77
CA TYR A 250 20.47 -5.51 23.12
C TYR A 250 20.11 -4.04 23.15
N LEU A 251 19.31 -3.63 24.12
CA LEU A 251 18.88 -2.24 24.21
C LEU A 251 19.22 -1.72 25.60
N ALA A 252 20.05 -0.69 25.65
CA ALA A 252 20.43 -0.12 26.93
C ALA A 252 19.20 0.56 27.56
N PRO A 253 18.93 0.32 28.83
CA PRO A 253 17.80 1.01 29.47
C PRO A 253 18.12 2.48 29.70
N LYS A 254 17.08 3.30 29.72
CA LYS A 254 17.29 4.70 30.09
C LYS A 254 17.73 4.80 31.54
N GLN B 2 19.12 8.42 28.34
CA GLN B 2 19.38 7.21 27.58
C GLN B 2 20.80 6.72 27.77
N ARG B 3 20.98 5.55 28.34
CA ARG B 3 22.31 4.98 28.53
C ARG B 3 22.77 4.28 27.24
N CYS B 4 24.05 3.94 27.17
CA CYS B 4 24.59 3.30 25.98
C CYS B 4 25.10 1.90 26.28
N ILE B 5 25.23 1.10 25.24
CA ILE B 5 25.65 -0.28 25.39
C ILE B 5 27.04 -0.49 25.97
N PRO B 6 27.98 0.37 25.65
CA PRO B 6 29.32 0.18 26.22
C PRO B 6 29.46 0.29 27.75
N GLU B 7 28.53 0.90 28.47
CA GLU B 7 28.63 0.93 29.91
C GLU B 7 28.34 -0.42 30.56
N PHE B 8 27.63 -1.30 29.88
CA PHE B 8 27.33 -2.58 30.48
C PHE B 8 28.21 -3.70 29.96
N PHE B 9 28.68 -3.57 28.72
CA PHE B 9 29.50 -4.61 28.12
C PHE B 9 31.01 -4.36 28.27
N MET C 1 -19.65 9.75 36.74
CA MET C 1 -19.41 8.41 36.30
C MET C 1 -20.12 7.83 35.09
N PHE C 2 -19.31 7.15 34.28
CA PHE C 2 -19.73 6.63 32.99
C PHE C 2 -18.93 5.37 32.64
N GLU C 3 -19.63 4.34 32.19
CA GLU C 3 -19.01 3.10 31.71
C GLU C 3 -19.87 2.49 30.62
N ALA C 4 -19.31 2.32 29.43
CA ALA C 4 -20.03 1.73 28.31
C ALA C 4 -19.17 0.67 27.68
N ARG C 5 -19.70 -0.54 27.57
CA ARG C 5 -18.97 -1.69 27.04
C ARG C 5 -19.51 -2.00 25.65
N LEU C 6 -18.64 -1.91 24.65
CA LEU C 6 -18.96 -2.15 23.25
C LEU C 6 -18.21 -3.40 22.80
N VAL C 7 -18.93 -4.51 22.69
CA VAL C 7 -18.32 -5.76 22.23
C VAL C 7 -17.73 -5.59 20.84
N GLN C 8 -18.51 -4.99 19.93
CA GLN C 8 -18.05 -4.75 18.56
C GLN C 8 -17.28 -3.43 18.53
N GLY C 9 -16.04 -3.50 19.03
CA GLY C 9 -15.22 -2.32 19.16
C GLY C 9 -14.87 -1.68 17.83
N SER C 10 -14.94 -2.45 16.74
CA SER C 10 -14.63 -1.91 15.42
C SER C 10 -15.58 -0.79 15.04
N ILE C 11 -16.80 -0.80 15.59
CA ILE C 11 -17.72 0.32 15.36
C ILE C 11 -17.04 1.62 15.75
N LEU C 12 -16.45 1.65 16.95
CA LEU C 12 -15.83 2.88 17.45
C LEU C 12 -14.57 3.22 16.66
N LYS C 13 -13.78 2.20 16.29
CA LYS C 13 -12.68 2.41 15.36
C LYS C 13 -13.15 3.06 14.07
N LYS C 14 -14.14 2.48 13.44
CA LYS C 14 -14.64 3.02 12.19
C LYS C 14 -15.20 4.43 12.31
N VAL C 15 -15.84 4.73 13.45
CA VAL C 15 -16.44 6.03 13.68
C VAL C 15 -15.38 7.09 13.71
N LEU C 16 -14.32 6.83 14.46
CA LEU C 16 -13.21 7.77 14.54
C LEU C 16 -12.54 7.95 13.20
N GLU C 17 -12.42 6.87 12.43
CA GLU C 17 -11.85 6.93 11.09
C GLU C 17 -12.69 7.83 10.17
N ALA C 18 -14.00 7.79 10.33
CA ALA C 18 -14.92 8.58 9.54
C ALA C 18 -15.13 10.01 10.06
N LEU C 19 -14.41 10.43 11.09
CA LEU C 19 -14.55 11.76 11.64
C LEU C 19 -13.25 12.53 11.72
N LYS C 20 -12.19 11.82 12.09
CA LYS C 20 -10.87 12.37 12.30
C LYS C 20 -10.35 13.33 11.26
N ASP C 21 -10.57 13.06 9.98
CA ASP C 21 -10.04 13.93 8.95
C ASP C 21 -10.98 15.08 8.67
N LEU C 22 -12.22 14.95 9.08
CA LEU C 22 -13.19 15.99 8.83
C LEU C 22 -13.30 16.96 9.97
N ILE C 23 -13.13 16.46 11.17
CA ILE C 23 -13.29 17.28 12.36
C ILE C 23 -12.13 17.01 13.31
N ASN C 24 -11.42 18.08 13.67
CA ASN C 24 -10.22 17.96 14.52
C ASN C 24 -10.63 17.79 15.97
N GLU C 25 -11.57 18.61 16.43
CA GLU C 25 -11.96 18.63 17.86
C GLU C 25 -13.48 18.62 17.98
N ALA C 26 -14.00 17.79 18.88
CA ALA C 26 -15.46 17.72 19.05
C ALA C 26 -15.83 17.39 20.50
N CYS C 27 -17.06 17.71 20.87
CA CYS C 27 -17.56 17.43 22.23
C CYS C 27 -18.41 16.16 22.18
N TRP C 28 -18.00 15.13 22.91
CA TRP C 28 -18.74 13.89 23.03
C TRP C 28 -19.77 14.04 24.14
N ASP C 29 -21.05 14.03 23.76
CA ASP C 29 -22.15 14.22 24.70
C ASP C 29 -22.59 12.86 25.23
N ILE C 30 -22.33 12.61 26.51
CA ILE C 30 -22.61 11.33 27.15
C ILE C 30 -23.78 11.51 28.10
N SER C 31 -24.77 10.63 27.97
CA SER C 31 -25.92 10.65 28.88
C SER C 31 -26.44 9.23 29.00
N SER C 32 -27.53 9.09 29.75
CA SER C 32 -28.15 7.79 29.95
C SER C 32 -28.78 7.24 28.67
N SER C 33 -29.07 8.08 27.68
CA SER C 33 -29.64 7.58 26.44
C SER C 33 -28.59 7.17 25.43
N GLY C 34 -27.33 7.48 25.68
CA GLY C 34 -26.27 7.02 24.82
C GLY C 34 -25.26 8.12 24.58
N VAL C 35 -24.50 7.94 23.52
CA VAL C 35 -23.40 8.83 23.17
C VAL C 35 -23.79 9.62 21.94
N ASN C 36 -23.63 10.94 22.00
CA ASN C 36 -23.91 11.81 20.87
C ASN C 36 -22.73 12.74 20.63
N LEU C 37 -22.44 12.97 19.36
CA LEU C 37 -21.45 13.95 18.95
C LEU C 37 -22.08 14.75 17.83
N GLN C 38 -22.00 16.06 17.92
CA GLN C 38 -22.39 16.91 16.81
C GLN C 38 -21.31 17.96 16.60
N SER C 39 -20.92 18.16 15.35
CA SER C 39 -19.91 19.16 15.08
C SER C 39 -19.98 19.51 13.60
N MET C 40 -19.78 20.79 13.30
CA MET C 40 -19.48 21.19 11.96
C MET C 40 -17.98 21.03 11.71
N ASP C 41 -17.61 20.95 10.45
CA ASP C 41 -16.19 21.00 10.13
C ASP C 41 -15.70 22.44 10.26
N SER C 42 -14.40 22.61 10.05
CA SER C 42 -13.74 23.92 10.17
C SER C 42 -14.48 25.00 9.38
N SER C 43 -14.86 24.69 8.15
CA SER C 43 -15.44 25.65 7.22
C SER C 43 -16.95 25.75 7.33
N HIS C 44 -17.58 24.99 8.23
CA HIS C 44 -19.02 25.05 8.45
C HIS C 44 -19.82 24.77 7.18
N VAL C 45 -19.22 24.05 6.24
CA VAL C 45 -19.95 23.59 5.08
C VAL C 45 -20.64 22.26 5.37
N SER C 46 -20.09 21.47 6.28
CA SER C 46 -20.64 20.18 6.64
C SER C 46 -20.90 20.13 8.14
N LEU C 47 -21.84 19.29 8.53
CA LEU C 47 -22.08 18.99 9.93
C LEU C 47 -22.27 17.49 10.05
N VAL C 48 -21.66 16.90 11.08
N VAL C 48 -21.67 16.91 11.08
CA VAL C 48 -21.81 15.49 11.37
CA VAL C 48 -21.81 15.50 11.38
C VAL C 48 -22.63 15.37 12.65
C VAL C 48 -22.65 15.37 12.64
N GLN C 49 -23.49 14.36 12.69
CA GLN C 49 -24.24 14.06 13.90
C GLN C 49 -24.14 12.56 14.11
N LEU C 50 -23.48 12.18 15.19
CA LEU C 50 -23.28 10.77 15.53
C LEU C 50 -24.19 10.44 16.70
N THR C 51 -24.89 9.32 16.60
CA THR C 51 -25.73 8.83 17.67
C THR C 51 -25.37 7.38 17.92
N LEU C 52 -24.91 7.08 19.13
CA LEU C 52 -24.70 5.72 19.61
C LEU C 52 -25.63 5.51 20.79
N ARG C 53 -26.70 4.75 20.60
CA ARG C 53 -27.70 4.60 21.65
C ARG C 53 -27.20 3.66 22.75
N SER C 54 -27.66 3.93 23.97
CA SER C 54 -27.15 3.17 25.12
C SER C 54 -27.51 1.69 25.01
N GLU C 55 -28.67 1.36 24.43
CA GLU C 55 -29.03 -0.04 24.31
C GLU C 55 -28.21 -0.78 23.26
N GLY C 56 -27.45 -0.07 22.43
CA GLY C 56 -26.51 -0.74 21.54
C GLY C 56 -25.29 -1.27 22.26
N PHE C 57 -24.93 -0.67 23.40
CA PHE C 57 -23.83 -1.14 24.22
C PHE C 57 -24.29 -2.32 25.06
N ASP C 58 -23.36 -3.25 25.31
CA ASP C 58 -23.67 -4.45 26.08
C ASP C 58 -23.74 -4.16 27.57
N THR C 59 -23.03 -3.13 28.02
CA THR C 59 -23.16 -2.55 29.35
C THR C 59 -23.11 -1.03 29.20
N TYR C 60 -24.06 -0.35 29.83
CA TYR C 60 -24.11 1.10 29.76
C TYR C 60 -24.53 1.68 31.09
N ARG C 61 -23.67 2.51 31.64
CA ARG C 61 -23.89 3.27 32.86
C ARG C 61 -23.42 4.71 32.73
N CYS C 62 -24.29 5.62 33.17
CA CYS C 62 -24.04 7.05 33.13
C CYS C 62 -24.95 7.68 34.17
N ASP C 63 -24.35 8.30 35.17
CA ASP C 63 -25.13 8.90 36.28
C ASP C 63 -25.13 10.42 36.14
N ARG C 64 -24.36 10.96 35.18
CA ARG C 64 -24.27 12.42 34.98
C ARG C 64 -24.14 12.73 33.49
N ASN C 65 -24.82 13.77 33.01
CA ASN C 65 -24.65 14.20 31.60
C ASN C 65 -23.24 14.76 31.46
N LEU C 66 -22.42 14.12 30.62
CA LEU C 66 -21.01 14.56 30.47
C LEU C 66 -20.80 15.20 29.11
N ALA C 67 -19.93 16.19 29.04
CA ALA C 67 -19.59 16.86 27.77
C ALA C 67 -18.05 16.82 27.66
N MET C 68 -17.52 15.83 26.95
CA MET C 68 -16.07 15.65 26.92
C MET C 68 -15.50 16.19 25.61
N GLY C 69 -14.69 17.23 25.73
CA GLY C 69 -13.99 17.77 24.59
C GLY C 69 -12.82 16.89 24.20
N VAL C 70 -12.86 16.34 23.00
CA VAL C 70 -11.93 15.32 22.55
C VAL C 70 -11.21 15.83 21.31
N ASN C 71 -9.90 15.63 21.27
CA ASN C 71 -9.14 15.78 20.03
C ASN C 71 -9.33 14.48 19.24
N LEU C 72 -10.02 14.56 18.11
CA LEU C 72 -10.39 13.32 17.41
C LEU C 72 -9.18 12.62 16.83
N THR C 73 -8.13 13.34 16.46
CA THR C 73 -6.93 12.66 15.97
C THR C 73 -6.21 11.97 17.13
N SER C 74 -6.23 12.58 18.32
CA SER C 74 -5.68 11.89 19.48
C SER C 74 -6.50 10.65 19.81
N MET C 75 -7.83 10.73 19.68
CA MET C 75 -8.67 9.58 19.97
C MET C 75 -8.55 8.52 18.88
N SER C 76 -8.35 8.95 17.64
CA SER C 76 -8.08 8.02 16.55
C SER C 76 -6.78 7.28 16.77
N LYS C 77 -5.75 7.97 17.23
CA LYS C 77 -4.47 7.33 17.52
C LYS C 77 -4.62 6.24 18.57
N ILE C 78 -5.41 6.49 19.62
CA ILE C 78 -5.60 5.48 20.65
C ILE C 78 -6.40 4.30 20.11
N LEU C 79 -7.45 4.58 19.33
CA LEU C 79 -8.28 3.50 18.80
C LEU C 79 -7.54 2.68 17.76
N LYS C 80 -6.48 3.22 17.17
CA LYS C 80 -5.62 2.41 16.33
C LYS C 80 -4.87 1.35 17.13
N CYS C 81 -4.80 1.48 18.46
CA CYS C 81 -4.17 0.46 19.30
C CYS C 81 -5.12 -0.65 19.70
N ALA C 82 -6.36 -0.64 19.21
CA ALA C 82 -7.32 -1.70 19.46
C ALA C 82 -7.34 -2.65 18.28
N GLY C 83 -7.39 -3.95 18.56
CA GLY C 83 -7.64 -4.92 17.52
C GLY C 83 -9.06 -4.82 16.99
N ASN C 84 -9.25 -5.27 15.75
CA ASN C 84 -10.55 -5.11 15.11
C ASN C 84 -11.65 -5.94 15.76
N GLU C 85 -11.30 -6.90 16.63
CA GLU C 85 -12.31 -7.69 17.33
C GLU C 85 -12.27 -7.45 18.84
N ASP C 86 -11.61 -6.38 19.27
CA ASP C 86 -11.49 -6.06 20.68
C ASP C 86 -12.84 -5.63 21.27
N ILE C 87 -13.00 -5.91 22.55
CA ILE C 87 -14.10 -5.36 23.34
C ILE C 87 -13.61 -4.03 23.89
N ILE C 88 -14.28 -2.93 23.52
CA ILE C 88 -13.84 -1.60 23.94
C ILE C 88 -14.80 -1.09 25.00
N THR C 89 -14.24 -0.73 26.14
CA THR C 89 -14.98 -0.10 27.23
C THR C 89 -14.54 1.36 27.32
N LEU C 90 -15.51 2.27 27.15
CA LEU C 90 -15.32 3.67 27.45
C LEU C 90 -15.67 3.88 28.91
N ARG C 91 -14.83 4.62 29.62
CA ARG C 91 -14.99 4.79 31.05
C ARG C 91 -14.57 6.21 31.39
N ALA C 92 -15.34 6.88 32.24
CA ALA C 92 -14.95 8.22 32.67
C ALA C 92 -15.13 8.38 34.16
N ASP C 97 -12.64 14.64 33.16
CA ASP C 97 -11.23 15.03 33.06
C ASP C 97 -10.42 14.23 32.05
N THR C 98 -10.49 12.92 32.14
CA THR C 98 -9.89 12.05 31.16
C THR C 98 -10.93 11.03 30.74
N LEU C 99 -10.81 10.59 29.50
CA LEU C 99 -11.61 9.49 28.97
C LEU C 99 -10.71 8.27 28.92
N ALA C 100 -11.12 7.20 29.61
CA ALA C 100 -10.39 5.95 29.60
C ALA C 100 -11.00 5.01 28.58
N LEU C 101 -10.16 4.39 27.77
CA LEU C 101 -10.56 3.40 26.78
C LEU C 101 -9.84 2.11 27.12
N VAL C 102 -10.59 1.04 27.32
CA VAL C 102 -10.03 -0.26 27.69
C VAL C 102 -10.32 -1.23 26.56
N PHE C 103 -9.27 -1.85 26.04
CA PHE C 103 -9.38 -2.81 24.94
C PHE C 103 -9.10 -4.20 25.47
N GLU C 104 -10.09 -5.08 25.34
CA GLU C 104 -9.94 -6.47 25.79
C GLU C 104 -9.81 -7.34 24.53
N ALA C 105 -8.66 -7.98 24.36
CA ALA C 105 -8.45 -8.83 23.18
C ALA C 105 -9.46 -9.99 23.20
N PRO C 106 -10.05 -10.35 22.04
CA PRO C 106 -11.04 -11.41 21.98
C PRO C 106 -10.41 -12.75 22.33
N ASN C 107 -9.16 -12.93 21.94
CA ASN C 107 -8.44 -14.19 22.19
C ASN C 107 -7.12 -13.78 22.81
N GLN C 108 -6.63 -14.58 23.76
CA GLN C 108 -5.31 -14.32 24.42
C GLN C 108 -5.48 -13.25 25.51
N GLU C 109 -4.79 -13.45 26.64
CA GLU C 109 -5.00 -12.52 27.78
C GLU C 109 -4.23 -11.22 27.57
N LYS C 110 -4.82 -10.28 26.82
CA LYS C 110 -4.19 -8.97 26.56
C LYS C 110 -5.22 -7.89 26.91
N VAL C 111 -4.89 -7.03 27.86
CA VAL C 111 -5.80 -5.91 28.23
C VAL C 111 -5.04 -4.60 28.11
N SER C 112 -5.54 -3.68 27.29
CA SER C 112 -4.95 -2.37 27.14
C SER C 112 -5.90 -1.37 27.77
N ASP C 113 -5.41 -0.51 28.66
CA ASP C 113 -6.24 0.59 29.10
C ASP C 113 -5.51 1.86 28.68
N TYR C 114 -6.23 2.75 28.02
CA TYR C 114 -5.66 4.01 27.60
C TYR C 114 -6.42 5.11 28.32
N GLU C 115 -5.71 6.12 28.76
CA GLU C 115 -6.32 7.28 29.37
C GLU C 115 -6.02 8.49 28.52
N MET C 116 -7.06 9.13 28.03
CA MET C 116 -6.96 10.21 27.09
C MET C 116 -7.23 11.55 27.74
N LYS C 117 -6.29 12.47 27.57
CA LYS C 117 -6.44 13.82 28.08
C LYS C 117 -7.59 14.49 27.34
N LEU C 118 -8.51 15.08 28.09
CA LEU C 118 -9.62 15.79 27.50
C LEU C 118 -9.27 17.26 27.44
N MET C 119 -10.08 18.01 26.71
CA MET C 119 -9.93 19.45 26.64
C MET C 119 -11.29 20.11 26.82
N ASP C 120 -11.25 21.38 27.19
CA ASP C 120 -12.47 22.15 27.37
C ASP C 120 -12.82 22.76 26.02
N LEU C 121 -13.92 22.30 25.45
CA LEU C 121 -14.61 22.94 24.33
C LEU C 121 -15.87 23.66 24.76
N ASP C 122 -16.38 24.42 23.81
CA ASP C 122 -17.52 25.29 23.96
C ASP C 122 -18.30 25.23 22.64
N VAL C 123 -18.63 24.00 22.22
CA VAL C 123 -19.34 23.79 20.97
C VAL C 123 -20.75 24.30 21.13
N GLU C 124 -21.18 25.22 20.27
CA GLU C 124 -22.46 25.83 20.55
C GLU C 124 -23.38 25.01 19.65
N GLN C 125 -23.79 23.81 20.12
CA GLN C 125 -24.68 22.93 19.35
C GLN C 125 -25.67 23.71 18.51
N LEU C 126 -25.75 23.35 17.25
CA LEU C 126 -26.64 23.99 16.32
C LEU C 126 -27.86 23.07 16.27
N GLY C 127 -29.06 23.63 16.15
CA GLY C 127 -30.28 22.84 16.20
C GLY C 127 -30.62 22.25 14.85
N ILE C 128 -30.88 20.96 14.79
CA ILE C 128 -31.19 20.36 13.50
C ILE C 128 -32.69 20.05 13.45
N PRO C 129 -33.45 20.75 12.61
CA PRO C 129 -34.87 20.45 12.47
C PRO C 129 -35.14 19.42 11.38
N GLU C 130 -35.56 18.22 11.77
CA GLU C 130 -36.09 17.28 10.79
C GLU C 130 -37.25 17.90 10.03
N GLN C 131 -37.45 17.34 8.84
CA GLN C 131 -38.13 17.93 7.71
C GLN C 131 -38.40 16.81 6.71
N GLU C 132 -39.31 17.10 5.79
CA GLU C 132 -39.67 16.18 4.73
C GLU C 132 -38.75 16.46 3.56
N TYR C 133 -38.22 15.41 2.95
CA TYR C 133 -37.28 15.55 1.87
C TYR C 133 -37.94 15.15 0.55
N SER C 134 -37.73 15.96 -0.48
CA SER C 134 -38.34 15.68 -1.78
C SER C 134 -37.92 14.31 -2.30
N CYS C 135 -36.61 14.04 -2.34
N CYS C 135 -36.63 14.03 -2.26
CA CYS C 135 -36.07 12.76 -2.78
CA CYS C 135 -36.12 12.74 -2.70
C CYS C 135 -35.27 12.11 -1.65
C CYS C 135 -35.28 12.11 -1.62
N VAL C 136 -35.44 10.79 -1.48
CA VAL C 136 -34.61 9.99 -0.60
C VAL C 136 -34.16 8.78 -1.40
N VAL C 137 -32.84 8.65 -1.56
CA VAL C 137 -32.24 7.52 -2.25
C VAL C 137 -31.48 6.68 -1.23
N LYS C 138 -31.80 5.38 -1.19
CA LYS C 138 -31.01 4.41 -0.45
C LYS C 138 -30.30 3.54 -1.49
N MET C 139 -29.01 3.38 -1.32
CA MET C 139 -28.09 2.80 -2.28
C MET C 139 -26.95 2.17 -1.51
N PRO C 140 -26.27 1.19 -2.11
CA PRO C 140 -25.09 0.61 -1.46
C PRO C 140 -24.06 1.68 -1.16
N SER C 141 -23.48 1.62 0.05
CA SER C 141 -22.52 2.63 0.46
C SER C 141 -21.27 2.58 -0.40
N GLY C 142 -20.80 1.38 -0.75
CA GLY C 142 -19.64 1.27 -1.61
C GLY C 142 -19.86 1.90 -2.96
N GLU C 143 -21.08 1.77 -3.51
CA GLU C 143 -21.39 2.42 -4.78
C GLU C 143 -21.27 3.92 -4.65
N PHE C 144 -21.86 4.50 -3.59
CA PHE C 144 -21.77 5.93 -3.38
C PHE C 144 -20.32 6.39 -3.18
N ALA C 145 -19.53 5.61 -2.45
CA ALA C 145 -18.11 5.95 -2.31
C ALA C 145 -17.42 5.93 -3.65
N ARG C 146 -17.70 4.91 -4.46
CA ARG C 146 -17.19 4.83 -5.83
C ARG C 146 -17.52 6.10 -6.62
N ILE C 147 -18.79 6.52 -6.57
CA ILE C 147 -19.26 7.68 -7.33
C ILE C 147 -18.44 8.92 -7.00
N CYS C 148 -18.41 9.29 -5.72
CA CYS C 148 -17.79 10.55 -5.32
C CYS C 148 -16.30 10.55 -5.62
N ARG C 149 -15.63 9.42 -5.42
CA ARG C 149 -14.22 9.38 -5.76
C ARG C 149 -13.98 9.40 -7.27
N ASP C 150 -14.74 8.64 -8.03
CA ASP C 150 -14.58 8.68 -9.48
C ASP C 150 -14.76 10.10 -10.02
N LEU C 151 -15.89 10.74 -9.70
CA LEU C 151 -16.18 12.07 -10.24
C LEU C 151 -15.20 13.14 -9.77
N SER C 152 -14.52 12.94 -8.64
CA SER C 152 -13.53 13.94 -8.22
C SER C 152 -12.30 13.91 -9.11
N HIS C 153 -12.16 12.89 -9.96
CA HIS C 153 -11.16 12.93 -11.01
C HIS C 153 -11.51 13.98 -12.06
N ILE C 154 -12.80 14.22 -12.25
CA ILE C 154 -13.32 15.05 -13.34
C ILE C 154 -13.48 16.50 -12.93
N GLY C 155 -14.19 16.73 -11.82
CA GLY C 155 -14.53 18.09 -11.43
C GLY C 155 -14.58 18.23 -9.92
N ASP C 156 -14.70 19.48 -9.48
CA ASP C 156 -14.72 19.80 -8.07
C ASP C 156 -16.11 19.77 -7.46
N ALA C 157 -17.15 19.71 -8.29
CA ALA C 157 -18.52 19.73 -7.82
C ALA C 157 -19.31 18.64 -8.51
N VAL C 158 -20.29 18.10 -7.81
CA VAL C 158 -21.20 17.09 -8.36
C VAL C 158 -22.60 17.67 -8.37
N VAL C 159 -23.27 17.56 -9.52
CA VAL C 159 -24.68 17.89 -9.64
C VAL C 159 -25.45 16.60 -9.42
N ILE C 160 -26.29 16.58 -8.39
CA ILE C 160 -27.13 15.42 -8.10
C ILE C 160 -28.54 15.72 -8.59
N SER C 161 -29.04 14.85 -9.48
CA SER C 161 -30.39 15.02 -10.06
C SER C 161 -31.23 13.77 -9.81
N CYS C 162 -32.31 13.91 -9.06
CA CYS C 162 -33.18 12.75 -8.73
C CYS C 162 -34.51 12.85 -9.46
N ALA C 163 -34.92 11.76 -10.09
CA ALA C 163 -36.23 11.71 -10.80
C ALA C 163 -36.82 10.33 -10.50
N LYS C 164 -38.06 10.08 -10.90
CA LYS C 164 -38.76 8.82 -10.55
C LYS C 164 -37.89 7.59 -10.86
N ASP C 165 -37.53 7.41 -12.13
CA ASP C 165 -36.73 6.24 -12.57
C ASP C 165 -35.42 6.17 -11.79
N GLY C 166 -34.65 7.26 -11.74
CA GLY C 166 -33.34 7.13 -11.11
C GLY C 166 -32.64 8.40 -10.66
N VAL C 167 -31.39 8.25 -10.20
CA VAL C 167 -30.57 9.41 -9.76
C VAL C 167 -29.33 9.50 -10.65
N LYS C 168 -28.87 10.71 -10.93
CA LYS C 168 -27.71 10.97 -11.76
C LYS C 168 -26.72 11.87 -11.03
N PHE C 169 -25.44 11.56 -11.16
CA PHE C 169 -24.37 12.34 -10.57
C PHE C 169 -23.50 12.87 -11.71
N SER C 170 -23.33 14.19 -11.77
CA SER C 170 -22.70 14.84 -12.90
C SER C 170 -21.62 15.80 -12.42
N ALA C 171 -20.50 15.80 -13.11
CA ALA C 171 -19.42 16.67 -12.77
C ALA C 171 -18.72 17.12 -14.05
N SER C 172 -18.13 18.30 -13.99
CA SER C 172 -17.45 18.86 -15.13
C SER C 172 -16.13 19.48 -14.77
N GLY C 173 -15.22 19.48 -15.73
CA GLY C 173 -13.93 20.07 -15.51
C GLY C 173 -13.13 20.24 -16.77
N GLU C 174 -11.86 20.54 -16.60
CA GLU C 174 -10.96 20.74 -17.72
C GLU C 174 -10.89 19.52 -18.62
N LEU C 175 -10.79 18.36 -18.00
CA LEU C 175 -10.69 17.13 -18.71
C LEU C 175 -11.89 16.82 -19.60
N GLY C 176 -13.07 17.16 -19.12
CA GLY C 176 -14.30 16.93 -19.83
C GLY C 176 -15.41 16.87 -18.82
N ASN C 177 -16.34 15.96 -19.00
CA ASN C 177 -17.41 15.82 -18.04
C ASN C 177 -17.85 14.39 -17.92
N GLY C 178 -18.51 14.08 -16.82
CA GLY C 178 -19.01 12.74 -16.59
C GLY C 178 -20.43 12.79 -16.05
N ASN C 179 -21.13 11.69 -16.30
CA ASN C 179 -22.50 11.53 -15.82
C ASN C 179 -22.62 10.10 -15.35
N ILE C 180 -23.05 9.90 -14.11
CA ILE C 180 -23.29 8.55 -13.62
C ILE C 180 -24.77 8.40 -13.31
N LYS C 181 -25.40 7.43 -13.97
CA LYS C 181 -26.84 7.15 -13.88
C LYS C 181 -27.03 5.99 -12.94
N LEU C 182 -27.78 6.19 -11.86
CA LEU C 182 -28.27 5.08 -11.04
C LEU C 182 -29.79 5.01 -11.15
N SER C 183 -30.28 3.88 -11.63
CA SER C 183 -31.70 3.61 -11.63
C SER C 183 -32.05 2.66 -10.51
N GLN C 184 -33.05 3.03 -9.73
CA GLN C 184 -33.78 2.10 -8.89
C GLN C 184 -34.16 0.80 -9.58
N THR C 185 -34.06 -0.26 -8.78
CA THR C 185 -33.85 -1.65 -9.09
C THR C 185 -34.96 -2.51 -8.50
N GLU C 192 -30.32 -4.48 -0.01
CA GLU C 192 -28.97 -4.95 0.32
C GLU C 192 -27.97 -4.39 -0.72
N GLU C 193 -28.24 -4.67 -2.00
CA GLU C 193 -27.43 -4.22 -3.14
C GLU C 193 -28.30 -3.42 -4.10
N ALA C 194 -29.41 -2.91 -3.58
CA ALA C 194 -30.46 -2.27 -4.36
C ALA C 194 -30.44 -0.77 -4.16
N VAL C 195 -31.03 -0.09 -5.15
CA VAL C 195 -31.14 1.36 -5.17
C VAL C 195 -32.63 1.65 -5.11
N THR C 196 -33.11 2.22 -4.01
CA THR C 196 -34.51 2.60 -3.91
C THR C 196 -34.57 4.12 -3.89
N ILE C 197 -35.59 4.67 -4.53
CA ILE C 197 -35.78 6.10 -4.59
C ILE C 197 -37.19 6.39 -4.12
N GLU C 198 -37.31 7.10 -3.01
CA GLU C 198 -38.61 7.55 -2.55
C GLU C 198 -38.67 9.05 -2.81
N MET C 199 -39.44 9.44 -3.80
CA MET C 199 -39.53 10.82 -4.20
C MET C 199 -40.95 11.34 -4.24
N ASN C 200 -41.08 12.62 -3.88
CA ASN C 200 -42.35 13.33 -3.95
C ASN C 200 -42.21 14.64 -4.71
N GLU C 201 -41.04 14.92 -5.28
CA GLU C 201 -40.67 16.15 -5.96
C GLU C 201 -39.29 15.93 -6.56
N PRO C 202 -39.11 16.06 -7.88
CA PRO C 202 -37.76 15.91 -8.45
C PRO C 202 -36.82 17.01 -7.96
N VAL C 203 -35.53 16.68 -7.85
CA VAL C 203 -34.56 17.62 -7.30
C VAL C 203 -33.33 17.71 -8.19
N GLN C 204 -32.58 18.79 -7.99
CA GLN C 204 -31.30 19.00 -8.66
C GLN C 204 -30.46 19.92 -7.77
N LEU C 205 -29.38 19.38 -7.20
CA LEU C 205 -28.53 20.13 -6.29
C LEU C 205 -27.07 19.91 -6.64
N THR C 206 -26.25 20.92 -6.33
CA THR C 206 -24.81 20.85 -6.54
C THR C 206 -24.10 20.83 -5.19
N PHE C 207 -23.07 19.99 -5.09
CA PHE C 207 -22.33 19.83 -3.84
C PHE C 207 -20.84 19.74 -4.15
N ALA C 208 -20.05 20.08 -3.13
CA ALA C 208 -18.59 19.96 -3.23
C ALA C 208 -18.19 18.51 -3.02
N LEU C 209 -17.50 17.93 -4.00
CA LEU C 209 -17.08 16.55 -3.92
C LEU C 209 -16.06 16.30 -2.82
N ARG C 210 -15.26 17.32 -2.47
CA ARG C 210 -14.23 17.13 -1.47
C ARG C 210 -14.85 16.81 -0.11
N TYR C 211 -16.02 17.38 0.18
CA TYR C 211 -16.71 17.05 1.42
C TYR C 211 -17.34 15.66 1.35
N LEU C 212 -17.99 15.34 0.22
CA LEU C 212 -18.58 14.03 0.05
C LEU C 212 -17.54 12.94 0.24
N ASN C 213 -16.30 13.19 -0.23
CA ASN C 213 -15.26 12.18 -0.11
C ASN C 213 -14.72 12.05 1.30
N PHE C 214 -15.03 13.00 2.17
CA PHE C 214 -14.77 12.81 3.59
C PHE C 214 -15.87 11.95 4.19
N PHE C 215 -17.11 12.20 3.76
CA PHE C 215 -18.26 11.47 4.28
C PHE C 215 -18.14 9.98 4.00
N THR C 216 -17.62 9.61 2.81
CA THR C 216 -17.56 8.21 2.43
C THR C 216 -16.52 7.40 3.20
N LYS C 217 -15.72 8.05 4.05
CA LYS C 217 -14.90 7.29 4.98
C LYS C 217 -15.73 6.50 5.98
N ALA C 218 -17.03 6.82 6.11
CA ALA C 218 -17.91 6.06 6.97
C ALA C 218 -18.43 4.79 6.33
N THR C 219 -18.10 4.56 5.05
CA THR C 219 -18.61 3.41 4.31
C THR C 219 -18.50 2.09 5.05
N PRO C 220 -17.37 1.73 5.69
CA PRO C 220 -17.33 0.45 6.41
C PRO C 220 -18.29 0.35 7.59
N LEU C 221 -18.97 1.43 7.97
CA LEU C 221 -19.97 1.35 9.03
C LEU C 221 -21.28 0.74 8.55
N SER C 222 -21.58 0.81 7.26
CA SER C 222 -22.89 0.41 6.77
C SER C 222 -22.77 0.01 5.30
N SER C 223 -23.38 -1.12 4.94
CA SER C 223 -23.39 -1.54 3.54
C SER C 223 -24.28 -0.66 2.68
N THR C 224 -25.02 0.25 3.28
CA THR C 224 -26.01 1.06 2.59
C THR C 224 -25.91 2.50 3.08
N VAL C 225 -26.22 3.45 2.20
CA VAL C 225 -26.22 4.86 2.55
C VAL C 225 -27.52 5.48 2.08
N THR C 226 -28.03 6.45 2.85
CA THR C 226 -29.26 7.15 2.52
C THR C 226 -28.93 8.61 2.26
N LEU C 227 -29.28 9.09 1.07
CA LEU C 227 -29.14 10.50 0.72
C LEU C 227 -30.52 11.14 0.79
N SER C 228 -30.66 12.18 1.61
CA SER C 228 -31.91 12.92 1.73
C SER C 228 -31.73 14.31 1.17
N MET C 229 -32.58 14.70 0.21
CA MET C 229 -32.40 15.91 -0.57
C MET C 229 -33.69 16.68 -0.69
N SER C 230 -33.59 18.00 -0.68
CA SER C 230 -34.66 18.89 -1.07
C SER C 230 -34.04 20.22 -1.50
N ALA C 231 -34.89 21.07 -2.07
CA ALA C 231 -34.44 22.38 -2.51
C ALA C 231 -34.14 23.28 -1.31
N ASP C 232 -33.01 23.99 -1.40
CA ASP C 232 -32.57 24.99 -0.41
C ASP C 232 -32.45 24.40 1.00
N VAL C 233 -31.99 23.16 1.08
CA VAL C 233 -31.67 22.53 2.36
C VAL C 233 -30.43 21.67 2.20
N PRO C 234 -29.67 21.49 3.27
CA PRO C 234 -28.46 20.66 3.17
C PRO C 234 -28.80 19.22 2.81
N LEU C 235 -27.92 18.61 2.03
CA LEU C 235 -28.00 17.18 1.78
C LEU C 235 -27.75 16.42 3.08
N VAL C 236 -28.38 15.26 3.22
CA VAL C 236 -28.14 14.38 4.35
C VAL C 236 -27.54 13.08 3.81
N VAL C 237 -26.34 12.76 4.26
CA VAL C 237 -25.69 11.49 3.95
C VAL C 237 -25.70 10.69 5.24
N GLU C 238 -26.48 9.61 5.27
CA GLU C 238 -26.79 8.90 6.49
C GLU C 238 -26.26 7.47 6.42
N TYR C 239 -25.45 7.10 7.39
CA TYR C 239 -24.95 5.75 7.56
C TYR C 239 -25.52 5.19 8.86
N LYS C 240 -26.21 4.07 8.77
CA LYS C 240 -26.81 3.47 9.95
C LYS C 240 -25.78 2.55 10.61
N ILE C 241 -25.66 2.67 11.91
CA ILE C 241 -24.70 1.89 12.66
C ILE C 241 -25.40 0.78 13.39
N ALA C 242 -25.23 -0.42 12.85
CA ALA C 242 -25.77 -1.65 13.36
C ALA C 242 -27.20 -1.49 13.84
N ASP C 243 -27.40 -1.79 15.11
CA ASP C 243 -28.67 -1.67 15.76
C ASP C 243 -28.39 -0.75 16.93
N MET C 244 -27.78 0.41 16.69
CA MET C 244 -27.47 1.28 17.81
C MET C 244 -27.45 2.76 17.50
N GLY C 245 -27.49 3.10 16.23
CA GLY C 245 -27.49 4.52 15.92
C GLY C 245 -27.15 4.76 14.47
N HIS C 246 -26.52 5.91 14.23
CA HIS C 246 -26.30 6.38 12.87
C HIS C 246 -25.16 7.38 12.89
N LEU C 247 -24.63 7.64 11.70
CA LEU C 247 -23.68 8.71 11.47
C LEU C 247 -24.25 9.51 10.32
N LYS C 248 -24.69 10.73 10.59
CA LYS C 248 -25.31 11.58 9.58
C LYS C 248 -24.36 12.71 9.24
N TYR C 249 -24.21 12.97 7.95
CA TYR C 249 -23.45 14.11 7.46
C TYR C 249 -24.42 15.05 6.77
N TYR C 250 -24.30 16.33 7.05
CA TYR C 250 -25.12 17.36 6.41
C TYR C 250 -24.19 18.22 5.58
N LEU C 251 -24.52 18.39 4.31
CA LEU C 251 -23.66 19.16 3.40
C LEU C 251 -24.47 20.32 2.84
N ALA C 252 -24.01 21.53 3.10
CA ALA C 252 -24.65 22.71 2.53
C ALA C 252 -24.49 22.68 1.01
N PRO C 253 -25.57 22.81 0.23
CA PRO C 253 -25.47 22.72 -1.24
C PRO C 253 -24.88 24.01 -1.84
N LYS C 254 -24.31 23.98 -3.04
CA LYS C 254 -23.85 25.31 -3.56
C LYS C 254 -25.05 25.71 -4.30
N GLN D 2 -21.14 28.43 -2.60
CA GLN D 2 -21.09 27.47 -1.49
C GLN D 2 -21.63 28.08 -0.21
N ARG D 3 -22.88 27.76 0.10
CA ARG D 3 -23.51 28.23 1.33
C ARG D 3 -22.95 27.45 2.53
N CYS D 4 -23.46 27.75 3.73
CA CYS D 4 -22.98 27.09 4.94
C CYS D 4 -24.15 26.55 5.75
N ILE D 5 -23.80 25.62 6.65
CA ILE D 5 -24.82 24.96 7.46
C ILE D 5 -25.61 25.94 8.33
N PRO D 6 -24.99 26.88 9.06
CA PRO D 6 -25.79 27.77 9.94
C PRO D 6 -26.83 28.57 9.18
N GLU D 7 -26.59 28.76 7.90
CA GLU D 7 -27.48 29.47 7.03
C GLU D 7 -28.79 28.67 6.94
N PHE D 8 -28.71 27.37 7.19
CA PHE D 8 -29.88 26.52 7.12
C PHE D 8 -30.38 26.03 8.46
N PHE D 9 -29.46 25.83 9.40
CA PHE D 9 -29.85 25.37 10.72
C PHE D 9 -29.72 26.52 11.70
N MET E 1 -20.77 7.33 -35.93
CA MET E 1 -19.52 7.61 -36.62
C MET E 1 -18.43 6.63 -36.20
N PHE E 2 -18.29 6.44 -34.89
CA PHE E 2 -17.33 5.43 -34.36
C PHE E 2 -17.96 4.87 -33.08
N GLU E 3 -18.08 3.54 -33.00
CA GLU E 3 -18.61 2.90 -31.78
C GLU E 3 -17.89 1.57 -31.56
N ALA E 4 -17.01 1.51 -30.56
CA ALA E 4 -16.32 0.26 -30.22
C ALA E 4 -16.81 -0.22 -28.85
N ARG E 5 -17.34 -1.43 -28.78
CA ARG E 5 -17.85 -1.99 -27.51
C ARG E 5 -16.93 -3.13 -27.07
N LEU E 6 -16.37 -3.02 -25.88
CA LEU E 6 -15.51 -4.09 -25.34
C LEU E 6 -16.13 -4.61 -24.04
N VAL E 7 -16.50 -5.88 -24.02
CA VAL E 7 -17.06 -6.50 -22.78
C VAL E 7 -15.92 -6.67 -21.77
N GLN E 8 -14.75 -7.17 -22.20
CA GLN E 8 -13.57 -7.25 -21.28
C GLN E 8 -13.02 -5.84 -21.10
N GLY E 9 -13.79 -4.97 -20.47
CA GLY E 9 -13.41 -3.57 -20.32
C GLY E 9 -12.08 -3.33 -19.64
N SER E 10 -11.56 -4.31 -18.91
CA SER E 10 -10.30 -4.12 -18.20
C SER E 10 -9.09 -4.17 -19.13
N ILE E 11 -9.21 -4.78 -20.31
CA ILE E 11 -8.13 -4.64 -21.30
C ILE E 11 -7.81 -3.18 -21.54
N LEU E 12 -8.84 -2.35 -21.74
CA LEU E 12 -8.57 -0.94 -22.03
C LEU E 12 -7.98 -0.24 -20.82
N LYS E 13 -8.35 -0.65 -19.62
CA LYS E 13 -7.76 -0.08 -18.41
C LYS E 13 -6.28 -0.42 -18.32
N LYS E 14 -5.93 -1.70 -18.51
CA LYS E 14 -4.53 -2.09 -18.48
C LYS E 14 -3.74 -1.50 -19.63
N VAL E 15 -4.39 -1.23 -20.77
CA VAL E 15 -3.69 -0.61 -21.89
C VAL E 15 -3.26 0.80 -21.53
N LEU E 16 -4.18 1.59 -20.96
CA LEU E 16 -3.83 2.97 -20.60
C LEU E 16 -2.80 3.02 -19.49
N GLU E 17 -2.84 2.06 -18.56
CA GLU E 17 -1.81 1.99 -17.52
C GLU E 17 -0.43 1.79 -18.12
N ALA E 18 -0.36 0.99 -19.18
CA ALA E 18 0.92 0.69 -19.82
C ALA E 18 1.44 1.81 -20.71
N LEU E 19 0.66 2.86 -20.91
CA LEU E 19 1.07 3.99 -21.75
C LEU E 19 1.17 5.32 -21.01
N LYS E 20 0.31 5.56 -20.02
CA LYS E 20 0.08 6.91 -19.50
C LYS E 20 1.36 7.53 -18.95
N ASP E 21 2.20 6.74 -18.28
CA ASP E 21 3.41 7.28 -17.68
C ASP E 21 4.55 7.41 -18.69
N LEU E 22 4.49 6.66 -19.78
CA LEU E 22 5.54 6.73 -20.79
C LEU E 22 5.24 7.77 -21.85
N ILE E 23 3.95 7.93 -22.20
CA ILE E 23 3.51 8.85 -23.26
C ILE E 23 2.44 9.75 -22.65
N ASN E 24 2.63 11.07 -22.75
CA ASN E 24 1.60 11.95 -22.20
C ASN E 24 0.46 12.16 -23.18
N GLU E 25 0.77 12.29 -24.46
CA GLU E 25 -0.23 12.66 -25.43
C GLU E 25 -0.04 11.79 -26.65
N ALA E 26 -1.14 11.30 -27.22
CA ALA E 26 -1.00 10.47 -28.40
C ALA E 26 -2.23 10.61 -29.28
N CYS E 27 -2.04 10.35 -30.55
CA CYS E 27 -3.11 10.35 -31.52
C CYS E 27 -3.61 8.93 -31.66
N TRP E 28 -4.88 8.71 -31.32
CA TRP E 28 -5.51 7.42 -31.54
C TRP E 28 -6.00 7.37 -32.97
N ASP E 29 -5.55 6.38 -33.69
CA ASP E 29 -5.91 6.23 -35.08
C ASP E 29 -7.02 5.20 -35.21
N ILE E 30 -8.19 5.65 -35.63
CA ILE E 30 -9.39 4.82 -35.64
C ILE E 30 -9.81 4.59 -37.08
N SER E 31 -10.16 3.35 -37.39
CA SER E 31 -10.60 2.98 -38.73
C SER E 31 -11.39 1.69 -38.64
N SER E 32 -11.87 1.24 -39.79
CA SER E 32 -12.62 -0.01 -39.87
C SER E 32 -11.78 -1.23 -39.49
N SER E 33 -10.46 -1.14 -39.60
CA SER E 33 -9.61 -2.27 -39.25
C SER E 33 -9.36 -2.37 -37.74
N GLY E 34 -9.60 -1.30 -37.00
CA GLY E 34 -9.44 -1.31 -35.57
C GLY E 34 -8.79 -0.04 -35.11
N VAL E 35 -8.25 -0.08 -33.89
CA VAL E 35 -7.68 1.07 -33.22
C VAL E 35 -6.17 0.92 -33.20
N ASN E 36 -5.47 1.94 -33.70
CA ASN E 36 -4.03 1.97 -33.72
C ASN E 36 -3.53 3.22 -33.02
N LEU E 37 -2.42 3.08 -32.30
CA LEU E 37 -1.76 4.21 -31.67
C LEU E 37 -0.27 3.98 -31.81
N GLN E 38 0.44 4.99 -32.28
CA GLN E 38 1.88 4.92 -32.39
C GLN E 38 2.43 6.22 -31.86
N SER E 39 3.40 6.14 -30.95
CA SER E 39 3.94 7.37 -30.40
C SER E 39 5.30 7.10 -29.78
N MET E 40 6.22 8.02 -30.01
CA MET E 40 7.48 8.00 -29.30
C MET E 40 7.28 8.67 -27.94
N ASP E 41 8.10 8.30 -26.97
CA ASP E 41 8.09 9.08 -25.75
C ASP E 41 8.75 10.44 -26.01
N SER E 42 8.68 11.34 -25.02
CA SER E 42 9.19 12.69 -25.22
C SER E 42 10.68 12.72 -25.55
N SER E 43 11.44 11.71 -25.16
CA SER E 43 12.86 11.68 -25.46
C SER E 43 13.19 10.99 -26.77
N HIS E 44 12.21 10.36 -27.42
CA HIS E 44 12.38 9.68 -28.70
C HIS E 44 13.33 8.49 -28.62
N VAL E 45 13.61 8.06 -27.39
CA VAL E 45 14.39 6.85 -27.19
C VAL E 45 13.53 5.61 -27.37
N SER E 46 12.23 5.71 -27.06
CA SER E 46 11.32 4.59 -27.16
C SER E 46 10.15 4.95 -28.05
N LEU E 47 9.51 3.92 -28.60
CA LEU E 47 8.28 4.07 -29.36
C LEU E 47 7.34 2.95 -28.99
N VAL E 48 6.08 3.30 -28.75
CA VAL E 48 5.03 2.33 -28.50
C VAL E 48 4.18 2.23 -29.75
N GLN E 49 3.73 1.01 -30.05
CA GLN E 49 2.82 0.79 -31.17
C GLN E 49 1.74 -0.13 -30.63
N LEU E 50 0.51 0.38 -30.57
CA LEU E 50 -0.62 -0.37 -30.06
C LEU E 50 -1.59 -0.69 -31.20
N THR E 51 -2.02 -1.94 -31.25
CA THR E 51 -2.97 -2.39 -32.28
C THR E 51 -4.11 -3.12 -31.57
N LEU E 52 -5.34 -2.67 -31.77
CA LEU E 52 -6.53 -3.37 -31.24
C LEU E 52 -7.43 -3.63 -32.43
N ARG E 53 -7.40 -4.85 -32.97
CA ARG E 53 -8.16 -5.16 -34.20
C ARG E 53 -9.67 -5.02 -33.97
N SER E 54 -10.40 -4.61 -35.00
CA SER E 54 -11.87 -4.45 -34.92
C SER E 54 -12.51 -5.76 -34.46
N GLU E 55 -11.96 -6.89 -34.89
CA GLU E 55 -12.57 -8.21 -34.59
C GLU E 55 -12.46 -8.56 -33.10
N GLY E 56 -11.50 -7.96 -32.39
CA GLY E 56 -11.35 -8.21 -30.94
C GLY E 56 -12.44 -7.53 -30.15
N PHE E 57 -13.08 -6.53 -30.75
CA PHE E 57 -14.19 -5.82 -30.07
C PHE E 57 -15.48 -6.62 -30.28
N ASP E 58 -16.39 -6.56 -29.31
CA ASP E 58 -17.65 -7.29 -29.40
C ASP E 58 -18.61 -6.63 -30.39
N THR E 59 -18.58 -5.31 -30.45
CA THR E 59 -19.21 -4.46 -31.46
C THR E 59 -18.25 -3.38 -31.93
N TYR E 60 -18.19 -3.19 -33.24
CA TYR E 60 -17.24 -2.25 -33.82
C TYR E 60 -17.83 -1.65 -35.07
N ARG E 61 -17.79 -0.32 -35.13
CA ARG E 61 -18.52 0.46 -36.09
C ARG E 61 -17.68 1.70 -36.36
N CYS E 62 -17.28 1.92 -37.61
CA CYS E 62 -16.41 3.04 -37.95
C CYS E 62 -16.59 3.38 -39.41
N ASP E 63 -17.25 4.49 -39.70
CA ASP E 63 -17.52 4.85 -41.08
C ASP E 63 -16.48 5.78 -41.69
N ARG E 64 -15.46 6.19 -40.94
CA ARG E 64 -14.41 7.04 -41.48
C ARG E 64 -13.16 6.96 -40.60
N ASN E 65 -12.00 7.14 -41.24
CA ASN E 65 -10.74 7.18 -40.50
C ASN E 65 -10.72 8.37 -39.56
N LEU E 66 -10.36 8.13 -38.31
CA LEU E 66 -10.31 9.17 -37.29
C LEU E 66 -8.92 9.27 -36.68
N ALA E 67 -8.51 10.50 -36.41
CA ALA E 67 -7.26 10.80 -35.71
C ALA E 67 -7.64 11.62 -34.47
N MET E 68 -7.76 10.95 -33.34
CA MET E 68 -8.18 11.57 -32.09
C MET E 68 -6.96 11.81 -31.22
N GLY E 69 -6.55 13.06 -31.09
CA GLY E 69 -5.46 13.41 -30.20
C GLY E 69 -5.93 13.36 -28.76
N VAL E 70 -5.28 12.55 -27.94
CA VAL E 70 -5.75 12.26 -26.59
C VAL E 70 -4.64 12.52 -25.59
N ASN E 71 -4.97 13.19 -24.50
CA ASN E 71 -4.08 13.30 -23.36
C ASN E 71 -4.24 12.01 -22.58
N LEU E 72 -3.21 11.15 -22.60
CA LEU E 72 -3.34 9.81 -22.05
C LEU E 72 -3.50 9.79 -20.53
N THR E 73 -3.06 10.83 -19.83
CA THR E 73 -3.34 10.89 -18.40
C THR E 73 -4.78 11.32 -18.14
N SER E 74 -5.35 12.17 -18.98
CA SER E 74 -6.77 12.45 -18.88
C SER E 74 -7.60 11.21 -19.20
N MET E 75 -7.18 10.45 -20.21
CA MET E 75 -7.88 9.19 -20.53
C MET E 75 -7.68 8.17 -19.42
N SER E 76 -6.47 8.10 -18.86
CA SER E 76 -6.24 7.20 -17.73
C SER E 76 -7.15 7.56 -16.55
N LYS E 77 -7.30 8.85 -16.27
CA LYS E 77 -8.17 9.27 -15.17
C LYS E 77 -9.59 8.78 -15.38
N ILE E 78 -10.12 8.94 -16.60
CA ILE E 78 -11.47 8.48 -16.88
C ILE E 78 -11.58 6.96 -16.77
N LEU E 79 -10.59 6.25 -17.30
CA LEU E 79 -10.64 4.79 -17.27
C LEU E 79 -10.52 4.23 -15.85
N LYS E 80 -9.91 4.97 -14.94
CA LYS E 80 -9.92 4.57 -13.53
C LYS E 80 -11.33 4.61 -12.97
N CYS E 81 -12.20 5.45 -13.53
CA CYS E 81 -13.59 5.52 -13.10
C CYS E 81 -14.40 4.30 -13.54
N ALA E 82 -13.81 3.43 -14.36
CA ALA E 82 -14.46 2.21 -14.80
C ALA E 82 -14.08 1.07 -13.88
N GLY E 83 -15.06 0.22 -13.56
CA GLY E 83 -14.79 -0.98 -12.81
C GLY E 83 -14.25 -2.08 -13.68
N ASN E 84 -13.58 -3.04 -13.05
CA ASN E 84 -12.92 -4.10 -13.80
C ASN E 84 -13.89 -5.02 -14.51
N GLU E 85 -15.15 -5.08 -14.08
CA GLU E 85 -16.14 -5.93 -14.71
C GLU E 85 -17.01 -5.16 -15.70
N ASP E 86 -16.71 -3.89 -15.95
CA ASP E 86 -17.56 -3.06 -16.79
C ASP E 86 -17.40 -3.37 -18.27
N ILE E 87 -18.46 -3.10 -19.00
CA ILE E 87 -18.44 -3.09 -20.45
C ILE E 87 -18.13 -1.66 -20.85
N ILE E 88 -17.04 -1.46 -21.59
CA ILE E 88 -16.62 -0.12 -21.98
C ILE E 88 -16.92 0.07 -23.46
N THR E 89 -17.56 1.18 -23.78
CA THR E 89 -17.87 1.56 -25.14
C THR E 89 -17.17 2.87 -25.45
N LEU E 90 -16.45 2.91 -26.56
CA LEU E 90 -15.84 4.14 -27.07
C LEU E 90 -16.67 4.64 -28.23
N ARG E 91 -16.85 5.95 -28.29
CA ARG E 91 -17.83 6.52 -29.20
C ARG E 91 -17.30 7.89 -29.64
N ALA E 92 -17.54 8.24 -30.89
CA ALA E 92 -17.27 9.62 -31.29
C ALA E 92 -18.24 10.06 -32.38
N ALA E 96 -16.06 14.75 -34.43
CA ALA E 96 -15.29 14.04 -33.40
C ALA E 96 -14.39 14.98 -32.65
N ASP E 97 -14.99 15.84 -31.84
CA ASP E 97 -14.23 16.77 -31.03
C ASP E 97 -14.03 16.23 -29.62
N THR E 98 -14.81 15.24 -29.22
CA THR E 98 -14.61 14.57 -27.95
C THR E 98 -14.64 13.06 -28.19
N LEU E 99 -14.02 12.33 -27.29
CA LEU E 99 -14.13 10.88 -27.24
C LEU E 99 -15.06 10.55 -26.09
N ALA E 100 -16.11 9.79 -26.37
CA ALA E 100 -17.05 9.39 -25.34
C ALA E 100 -16.70 8.00 -24.88
N LEU E 101 -16.70 7.80 -23.56
CA LEU E 101 -16.47 6.51 -22.95
C LEU E 101 -17.67 6.20 -22.09
N VAL E 102 -18.30 5.05 -22.33
CA VAL E 102 -19.52 4.69 -21.63
C VAL E 102 -19.25 3.40 -20.86
N PHE E 103 -19.43 3.47 -19.55
CA PHE E 103 -19.16 2.34 -18.66
C PHE E 103 -20.48 1.78 -18.18
N GLU E 104 -20.77 0.55 -18.60
CA GLU E 104 -22.02 -0.10 -18.32
C GLU E 104 -21.74 -1.22 -17.35
N ALA E 105 -22.38 -1.12 -16.20
CA ALA E 105 -22.10 -1.98 -15.07
C ALA E 105 -22.36 -3.42 -15.45
N PRO E 106 -21.52 -4.35 -14.99
CA PRO E 106 -21.76 -5.78 -15.27
C PRO E 106 -23.12 -6.21 -14.76
N ASN E 107 -23.31 -6.11 -13.45
CA ASN E 107 -24.55 -6.49 -12.79
C ASN E 107 -25.01 -5.44 -11.80
N GLN E 108 -25.13 -4.20 -12.22
CA GLN E 108 -25.82 -3.22 -11.42
C GLN E 108 -26.47 -2.26 -12.42
N GLU E 109 -27.54 -1.61 -12.00
CA GLU E 109 -28.21 -0.66 -12.89
C GLU E 109 -27.52 0.70 -12.80
N LYS E 110 -26.33 0.74 -13.39
CA LYS E 110 -25.43 1.88 -13.31
C LYS E 110 -24.76 2.08 -14.66
N VAL E 111 -24.91 3.27 -15.24
CA VAL E 111 -24.22 3.61 -16.47
C VAL E 111 -23.44 4.90 -16.22
N SER E 112 -22.15 4.88 -16.55
CA SER E 112 -21.31 6.05 -16.47
C SER E 112 -21.03 6.56 -17.86
N ASP E 113 -21.05 7.88 -18.03
CA ASP E 113 -20.92 8.52 -19.33
C ASP E 113 -19.84 9.58 -19.22
N TYR E 114 -18.71 9.35 -19.87
CA TYR E 114 -17.62 10.31 -19.83
C TYR E 114 -17.37 10.85 -21.22
N GLU E 115 -17.22 12.17 -21.29
CA GLU E 115 -17.00 12.91 -22.52
C GLU E 115 -15.65 13.60 -22.37
N MET E 116 -14.68 13.20 -23.17
CA MET E 116 -13.31 13.65 -23.01
C MET E 116 -12.95 14.62 -24.12
N LYS E 117 -12.60 15.85 -23.74
CA LYS E 117 -12.00 16.78 -24.69
C LYS E 117 -10.79 16.17 -25.36
N LEU E 118 -10.74 16.35 -26.66
CA LEU E 118 -9.59 16.00 -27.47
C LEU E 118 -8.78 17.25 -27.70
N MET E 119 -7.66 17.05 -28.36
CA MET E 119 -6.77 18.15 -28.69
C MET E 119 -6.18 17.88 -30.05
N ASP E 120 -5.91 18.95 -30.78
CA ASP E 120 -5.35 18.79 -32.11
C ASP E 120 -3.88 18.43 -31.92
N LEU E 121 -3.54 17.16 -32.11
CA LEU E 121 -2.14 16.77 -32.21
C LEU E 121 -1.79 16.52 -33.67
N ASP E 122 -0.79 17.25 -34.12
CA ASP E 122 -0.33 17.31 -35.48
C ASP E 122 0.89 16.40 -35.63
N LEU E 126 5.90 7.65 -37.74
CA LEU E 126 7.14 7.01 -38.20
C LEU E 126 6.81 5.72 -38.91
N GLY E 127 7.58 5.41 -39.95
CA GLY E 127 7.45 4.12 -40.58
C GLY E 127 8.29 3.08 -39.87
N ILE E 128 7.63 2.03 -39.37
CA ILE E 128 8.33 0.94 -38.70
C ILE E 128 8.66 -0.11 -39.76
N PRO E 129 9.91 -0.15 -40.24
CA PRO E 129 10.22 -1.04 -41.37
C PRO E 129 10.20 -2.50 -40.96
N GLU E 130 9.61 -3.33 -41.83
CA GLU E 130 9.68 -4.77 -41.65
C GLU E 130 11.12 -5.23 -41.54
N GLN E 131 11.42 -6.09 -40.57
CA GLN E 131 12.79 -6.54 -40.36
C GLN E 131 12.85 -7.95 -39.78
N GLU E 132 13.88 -8.71 -40.13
CA GLU E 132 14.11 -9.94 -39.40
C GLU E 132 15.03 -9.63 -38.23
N TYR E 133 14.98 -10.49 -37.23
CA TYR E 133 15.81 -10.33 -36.05
C TYR E 133 16.71 -11.54 -35.85
N SER E 134 17.92 -11.28 -35.34
CA SER E 134 18.88 -12.35 -35.10
C SER E 134 18.42 -13.29 -33.99
N CYS E 135 18.04 -12.73 -32.84
CA CYS E 135 17.56 -13.49 -31.69
C CYS E 135 16.18 -12.99 -31.32
N VAL E 136 15.27 -13.91 -31.03
CA VAL E 136 13.93 -13.61 -30.53
C VAL E 136 13.74 -14.40 -29.25
N VAL E 137 13.55 -13.71 -28.13
CA VAL E 137 13.38 -14.38 -26.81
C VAL E 137 11.93 -14.25 -26.35
N LYS E 138 11.27 -15.37 -26.08
CA LYS E 138 9.90 -15.34 -25.55
C LYS E 138 10.00 -15.86 -24.12
N MET E 139 9.60 -15.07 -23.13
CA MET E 139 9.78 -15.47 -21.72
C MET E 139 8.58 -15.00 -20.91
N PRO E 140 8.36 -15.51 -19.68
CA PRO E 140 7.28 -15.02 -18.84
C PRO E 140 7.36 -13.50 -18.60
N SER E 141 6.23 -12.81 -18.72
CA SER E 141 6.19 -11.34 -18.57
C SER E 141 6.58 -10.90 -17.15
N GLY E 142 6.09 -11.59 -16.13
CA GLY E 142 6.46 -11.27 -14.74
C GLY E 142 7.95 -11.44 -14.49
N GLU E 143 8.58 -12.43 -15.13
CA GLU E 143 10.04 -12.66 -14.99
C GLU E 143 10.80 -11.47 -15.58
N PHE E 144 10.41 -11.05 -16.78
CA PHE E 144 11.07 -9.89 -17.43
C PHE E 144 10.88 -8.65 -16.56
N ALA E 145 9.68 -8.50 -15.99
CA ALA E 145 9.40 -7.36 -15.09
C ALA E 145 10.36 -7.41 -13.90
N ARG E 146 10.52 -8.58 -13.30
CA ARG E 146 11.41 -8.74 -12.12
C ARG E 146 12.86 -8.44 -12.53
N ILE E 147 13.30 -9.00 -13.65
CA ILE E 147 14.70 -8.78 -14.12
C ILE E 147 14.94 -7.27 -14.22
N CYS E 148 14.03 -6.55 -14.87
CA CYS E 148 14.23 -5.11 -15.10
C CYS E 148 14.22 -4.34 -13.78
N ARG E 149 13.27 -4.64 -12.90
CA ARG E 149 13.18 -3.97 -11.58
C ARG E 149 14.42 -4.30 -10.74
N ASP E 150 14.79 -5.58 -10.70
CA ASP E 150 15.93 -6.03 -9.86
C ASP E 150 17.22 -5.35 -10.31
N LEU E 151 17.51 -5.35 -11.61
CA LEU E 151 18.79 -4.78 -12.09
C LEU E 151 18.78 -3.25 -11.98
N SER E 152 17.60 -2.64 -11.82
CA SER E 152 17.51 -1.18 -11.62
C SER E 152 18.17 -0.81 -10.29
N HIS E 153 18.20 -1.76 -9.35
CA HIS E 153 18.88 -1.52 -8.05
C HIS E 153 20.40 -1.54 -8.23
N ILE E 154 20.89 -2.17 -9.31
CA ILE E 154 22.34 -2.34 -9.52
C ILE E 154 22.88 -1.21 -10.41
N GLY E 155 22.29 -1.04 -11.60
CA GLY E 155 22.78 -0.02 -12.54
C GLY E 155 21.67 0.69 -13.29
N ASP E 156 22.05 1.47 -14.30
N ASP E 156 22.05 1.47 -14.30
CA ASP E 156 21.04 2.22 -15.10
CA ASP E 156 21.04 2.22 -15.10
C ASP E 156 20.93 1.59 -16.49
C ASP E 156 20.93 1.59 -16.49
N ALA E 157 21.91 0.78 -16.85
CA ALA E 157 21.89 0.13 -18.18
C ALA E 157 21.89 -1.38 -18.03
N VAL E 158 21.23 -2.08 -18.95
CA VAL E 158 21.29 -3.58 -18.93
C VAL E 158 21.91 -4.05 -20.24
N VAL E 159 22.90 -4.93 -20.13
CA VAL E 159 23.47 -5.55 -21.35
C VAL E 159 22.70 -6.85 -21.57
N ILE E 160 22.01 -6.95 -22.71
CA ILE E 160 21.29 -8.22 -23.05
C ILE E 160 22.17 -9.02 -24.00
N SER E 161 22.72 -10.13 -23.53
CA SER E 161 23.52 -11.02 -24.41
C SER E 161 22.68 -12.26 -24.71
N CYS E 162 22.39 -12.51 -25.98
CA CYS E 162 21.58 -13.69 -26.36
C CYS E 162 22.47 -14.70 -27.09
N ALA E 163 22.31 -15.98 -26.79
CA ALA E 163 23.06 -17.04 -27.49
C ALA E 163 22.17 -18.28 -27.55
N LYS E 164 22.67 -19.37 -28.14
CA LYS E 164 21.85 -20.60 -28.31
C LYS E 164 21.39 -21.10 -26.93
N ASP E 165 22.30 -21.16 -25.97
CA ASP E 165 21.95 -21.66 -24.61
C ASP E 165 20.79 -20.83 -24.05
N GLY E 166 20.95 -19.52 -24.04
CA GLY E 166 19.91 -18.65 -23.46
C GLY E 166 20.25 -17.18 -23.51
N VAL E 167 19.64 -16.41 -22.62
CA VAL E 167 19.82 -14.93 -22.64
C VAL E 167 20.35 -14.48 -21.28
N LYS E 168 21.22 -13.47 -21.28
CA LYS E 168 21.80 -12.96 -20.03
C LYS E 168 21.55 -11.46 -19.91
N PHE E 169 21.08 -11.01 -18.75
CA PHE E 169 20.85 -9.57 -18.50
C PHE E 169 21.90 -9.13 -17.49
N SER E 170 22.72 -8.15 -17.85
CA SER E 170 23.83 -7.75 -16.97
C SER E 170 23.80 -6.26 -16.68
N ALA E 171 24.03 -5.89 -15.42
CA ALA E 171 24.07 -4.46 -15.05
C ALA E 171 25.26 -4.23 -14.11
N SER E 172 25.75 -2.99 -14.05
CA SER E 172 26.90 -2.64 -13.19
C SER E 172 26.72 -1.23 -12.64
N GLY E 173 27.11 -1.01 -11.39
CA GLY E 173 27.05 0.33 -10.79
C GLY E 173 27.93 0.42 -9.55
N GLU E 174 27.62 1.37 -8.66
CA GLU E 174 28.44 1.58 -7.43
C GLU E 174 28.39 0.37 -6.51
N LEU E 175 27.21 -0.20 -6.31
CA LEU E 175 27.02 -1.37 -5.40
C LEU E 175 27.88 -2.53 -5.89
N GLY E 176 27.98 -2.69 -7.20
CA GLY E 176 28.71 -3.81 -7.78
C GLY E 176 28.09 -4.21 -9.09
N ASN E 177 28.00 -5.51 -9.35
CA ASN E 177 27.50 -5.95 -10.68
C ASN E 177 26.51 -7.10 -10.50
N GLY E 178 25.68 -7.32 -11.52
CA GLY E 178 24.69 -8.41 -11.48
C GLY E 178 24.49 -9.01 -12.85
N ASN E 179 24.29 -10.32 -12.91
CA ASN E 179 24.06 -11.03 -14.19
C ASN E 179 22.89 -11.99 -13.96
N ILE E 180 21.82 -11.85 -14.73
CA ILE E 180 20.68 -12.81 -14.63
C ILE E 180 20.67 -13.65 -15.89
N LYS E 181 20.77 -14.97 -15.74
CA LYS E 181 20.85 -15.87 -16.90
C LYS E 181 19.60 -16.74 -16.97
N LEU E 182 18.92 -16.74 -18.12
CA LEU E 182 17.77 -17.63 -18.34
C LEU E 182 18.18 -18.63 -19.42
N SER E 183 17.87 -19.91 -19.25
CA SER E 183 18.30 -20.92 -20.24
C SER E 183 17.11 -21.36 -21.10
N GLN E 184 17.33 -22.26 -22.07
CA GLN E 184 16.28 -22.76 -23.01
C GLN E 184 16.13 -21.78 -24.18
N ALA E 194 8.36 -20.71 -19.54
CA ALA E 194 9.03 -21.18 -20.77
C ALA E 194 9.87 -20.06 -21.37
N VAL E 195 11.17 -20.30 -21.56
CA VAL E 195 12.04 -19.30 -22.23
C VAL E 195 12.41 -19.86 -23.60
N THR E 196 11.83 -19.30 -24.66
CA THR E 196 12.08 -19.82 -26.02
C THR E 196 13.04 -18.88 -26.74
N ILE E 197 14.07 -19.43 -27.37
CA ILE E 197 15.10 -18.58 -28.05
C ILE E 197 15.19 -19.00 -29.51
N GLU E 198 14.70 -18.18 -30.42
CA GLU E 198 14.86 -18.46 -31.86
C GLU E 198 16.10 -17.67 -32.26
N MET E 199 17.25 -18.34 -32.34
CA MET E 199 18.50 -17.60 -32.59
C MET E 199 19.07 -17.91 -33.98
N ASN E 200 19.51 -16.88 -34.69
CA ASN E 200 20.16 -17.07 -36.01
C ASN E 200 21.53 -16.40 -35.94
N GLU E 201 21.70 -15.46 -35.00
CA GLU E 201 23.00 -14.78 -34.80
C GLU E 201 23.10 -14.28 -33.35
N PRO E 202 24.05 -14.71 -32.47
CA PRO E 202 24.17 -14.13 -31.14
C PRO E 202 24.21 -12.60 -31.18
N VAL E 203 23.50 -11.96 -30.25
CA VAL E 203 23.51 -10.52 -30.15
C VAL E 203 23.94 -10.12 -28.74
N GLN E 204 24.43 -8.88 -28.63
CA GLN E 204 24.77 -8.29 -27.35
C GLN E 204 24.53 -6.79 -27.46
N LEU E 205 23.49 -6.32 -26.78
CA LEU E 205 23.07 -4.92 -26.87
C LEU E 205 22.89 -4.35 -25.47
N THR E 206 23.00 -3.03 -25.38
CA THR E 206 22.86 -2.30 -24.12
C THR E 206 21.67 -1.36 -24.22
N PHE E 207 20.83 -1.36 -23.18
CA PHE E 207 19.63 -0.55 -23.13
C PHE E 207 19.51 0.13 -21.78
N ALA E 208 18.68 1.18 -21.74
CA ALA E 208 18.43 1.94 -20.53
C ALA E 208 17.32 1.30 -19.73
N LEU E 209 17.62 0.92 -18.48
CA LEU E 209 16.65 0.21 -17.66
C LEU E 209 15.42 1.05 -17.35
N ARG E 210 15.56 2.38 -17.31
CA ARG E 210 14.41 3.21 -16.95
C ARG E 210 13.29 3.04 -17.96
N TYR E 211 13.61 2.90 -19.24
CA TYR E 211 12.56 2.72 -20.25
C TYR E 211 11.94 1.33 -20.13
N LEU E 212 12.77 0.30 -19.94
CA LEU E 212 12.24 -1.06 -19.80
C LEU E 212 11.29 -1.15 -18.63
N ASN E 213 11.57 -0.44 -17.54
CA ASN E 213 10.68 -0.47 -16.39
C ASN E 213 9.38 0.27 -16.65
N PHE E 214 9.34 1.09 -17.71
CA PHE E 214 8.07 1.63 -18.18
C PHE E 214 7.34 0.60 -19.03
N PHE E 215 8.07 -0.11 -19.91
CA PHE E 215 7.45 -1.12 -20.76
C PHE E 215 6.78 -2.19 -19.92
N THR E 216 7.39 -2.57 -18.80
CA THR E 216 6.88 -3.67 -17.99
C THR E 216 5.58 -3.32 -17.27
N LYS E 217 5.12 -2.07 -17.34
CA LYS E 217 3.76 -1.80 -16.89
C LYS E 217 2.71 -2.45 -17.78
N ALA E 218 3.10 -2.98 -18.94
CA ALA E 218 2.21 -3.76 -19.78
C ALA E 218 2.08 -5.21 -19.32
N THR E 219 2.87 -5.62 -18.33
CA THR E 219 2.88 -7.02 -17.87
C THR E 219 1.50 -7.60 -17.62
N PRO E 220 0.55 -6.92 -16.96
CA PRO E 220 -0.76 -7.55 -16.75
C PRO E 220 -1.52 -7.87 -18.04
N LEU E 221 -1.12 -7.30 -19.17
CA LEU E 221 -1.84 -7.55 -20.42
C LEU E 221 -1.60 -8.96 -20.94
N SER E 222 -0.43 -9.53 -20.64
CA SER E 222 0.00 -10.77 -21.28
C SER E 222 0.90 -11.53 -20.32
N SER E 223 0.66 -12.83 -20.18
CA SER E 223 1.51 -13.67 -19.35
C SER E 223 2.87 -13.90 -19.98
N THR E 224 3.02 -13.56 -21.26
CA THR E 224 4.25 -13.77 -22.00
C THR E 224 4.70 -12.43 -22.57
N VAL E 225 6.01 -12.29 -22.77
CA VAL E 225 6.58 -11.14 -23.46
C VAL E 225 7.61 -11.67 -24.44
N THR E 226 7.71 -11.01 -25.59
CA THR E 226 8.63 -11.42 -26.64
C THR E 226 9.62 -10.30 -26.88
N LEU E 227 10.91 -10.61 -26.80
CA LEU E 227 11.97 -9.66 -27.10
C LEU E 227 12.61 -10.04 -28.43
N SER E 228 12.64 -9.11 -29.36
CA SER E 228 13.26 -9.31 -30.66
C SER E 228 14.43 -8.34 -30.80
N MET E 229 15.58 -8.89 -31.14
CA MET E 229 16.83 -8.13 -31.07
C MET E 229 17.66 -8.38 -32.30
N SER E 230 18.36 -7.35 -32.75
CA SER E 230 19.39 -7.53 -33.75
C SER E 230 20.47 -6.50 -33.53
N ALA E 231 21.62 -6.78 -34.11
CA ALA E 231 22.74 -5.85 -34.04
C ALA E 231 22.33 -4.48 -34.56
N ASP E 232 22.69 -3.48 -33.77
CA ASP E 232 22.44 -2.05 -33.95
C ASP E 232 21.03 -1.74 -34.47
N VAL E 233 20.01 -2.38 -33.89
CA VAL E 233 18.64 -1.98 -34.17
C VAL E 233 17.84 -1.95 -32.88
N PRO E 234 16.73 -1.21 -32.86
CA PRO E 234 15.94 -1.10 -31.63
C PRO E 234 15.44 -2.44 -31.15
N LEU E 235 15.49 -2.64 -29.83
CA LEU E 235 14.84 -3.78 -29.20
C LEU E 235 13.34 -3.65 -29.37
N VAL E 236 12.67 -4.77 -29.57
CA VAL E 236 11.21 -4.80 -29.58
C VAL E 236 10.76 -5.60 -28.38
N VAL E 237 9.95 -4.98 -27.53
CA VAL E 237 9.35 -5.65 -26.38
C VAL E 237 7.87 -5.77 -26.68
N GLU E 238 7.38 -6.99 -26.83
CA GLU E 238 6.07 -7.25 -27.41
C GLU E 238 5.18 -7.98 -26.43
N TYR E 239 4.01 -7.38 -26.15
CA TYR E 239 2.97 -7.98 -25.34
C TYR E 239 1.77 -8.26 -26.25
N LYS E 240 1.30 -9.49 -26.26
CA LYS E 240 0.13 -9.83 -27.03
C LYS E 240 -1.05 -9.46 -26.18
N ILE E 241 -2.10 -8.98 -26.81
CA ILE E 241 -3.30 -8.61 -26.10
C ILE E 241 -4.43 -9.55 -26.48
N ALA E 242 -4.54 -10.66 -25.76
CA ALA E 242 -5.55 -11.68 -25.97
C ALA E 242 -5.58 -12.09 -27.41
N ASP E 243 -6.73 -11.98 -28.04
CA ASP E 243 -6.83 -12.29 -29.45
C ASP E 243 -7.40 -11.01 -29.97
N MET E 244 -6.74 -9.91 -29.67
CA MET E 244 -7.23 -8.60 -30.02
C MET E 244 -6.19 -7.70 -30.64
N GLY E 245 -4.93 -7.90 -30.28
CA GLY E 245 -3.87 -7.10 -30.86
C GLY E 245 -2.59 -7.27 -30.07
N HIS E 246 -1.84 -6.18 -29.99
CA HIS E 246 -0.54 -6.22 -29.34
C HIS E 246 -0.17 -4.81 -28.89
N LEU E 247 0.76 -4.76 -27.96
CA LEU E 247 1.41 -3.52 -27.54
C LEU E 247 2.90 -3.77 -27.71
N LYS E 248 3.51 -3.09 -28.67
CA LYS E 248 4.92 -3.23 -28.94
C LYS E 248 5.65 -1.99 -28.42
N TYR E 249 6.76 -2.22 -27.76
CA TYR E 249 7.65 -1.14 -27.34
C TYR E 249 8.96 -1.30 -28.10
N TYR E 250 9.40 -0.24 -28.74
CA TYR E 250 10.70 -0.21 -29.39
C TYR E 250 11.63 0.60 -28.50
N LEU E 251 12.85 0.10 -28.33
CA LEU E 251 13.85 0.83 -27.51
C LEU E 251 15.16 0.93 -28.28
N ALA E 252 15.57 2.15 -28.59
CA ALA E 252 16.85 2.37 -29.30
C ALA E 252 18.00 1.96 -28.40
N PRO E 253 19.01 1.24 -28.94
CA PRO E 253 20.14 0.78 -28.13
C PRO E 253 21.11 1.88 -27.72
N LYS E 254 22.03 1.56 -26.82
CA LYS E 254 23.09 2.52 -26.45
C LYS E 254 24.32 2.18 -27.29
N ILE E 255 25.24 3.12 -27.45
CA ILE E 255 26.48 2.92 -28.28
C ILE E 255 26.06 2.54 -29.69
N SER F 1 25.48 7.74 -24.54
CA SER F 1 25.61 7.04 -25.81
C SER F 1 24.27 6.47 -26.23
N GLN F 2 23.21 7.10 -25.73
CA GLN F 2 21.85 6.68 -26.00
C GLN F 2 21.39 7.12 -27.38
N ARG F 3 21.07 6.16 -28.23
CA ARG F 3 20.60 6.49 -29.56
C ARG F 3 19.09 6.72 -29.54
N CYS F 4 18.54 7.15 -30.65
CA CYS F 4 17.11 7.43 -30.74
C CYS F 4 16.41 6.69 -31.86
N ILE F 5 15.11 6.49 -31.70
CA ILE F 5 14.32 5.77 -32.67
C ILE F 5 14.37 6.35 -34.09
N PRO F 6 14.23 7.67 -34.24
CA PRO F 6 14.27 8.19 -35.62
C PRO F 6 15.48 7.75 -36.41
N GLU F 7 16.61 7.54 -35.75
CA GLU F 7 17.83 7.13 -36.42
C GLU F 7 17.69 5.76 -37.09
N PHE F 8 16.77 4.92 -36.60
CA PHE F 8 16.55 3.60 -37.18
C PHE F 8 15.26 3.50 -37.97
N PHE F 9 14.24 4.29 -37.61
CA PHE F 9 12.95 4.24 -38.28
C PHE F 9 12.75 5.47 -39.16
#